data_8PMD
#
_entry.id   8PMD
#
_cell.length_a   1.00
_cell.length_b   1.00
_cell.length_c   1.00
_cell.angle_alpha   90.00
_cell.angle_beta   90.00
_cell.angle_gamma   90.00
#
_symmetry.space_group_name_H-M   'P 1'
#
loop_
_entity.id
_entity.type
_entity.pdbx_description
1 polymer 'Bile salt export pump'
2 non-polymer "ADENOSINE-5'-TRIPHOSPHATE"
3 non-polymer 'MAGNESIUM ION'
4 water water
#
_entity_poly.entity_id   1
_entity_poly.type   'polypeptide(L)'
_entity_poly.pdbx_seq_one_letter_code
;MSDSVILRSIKKFGEENDGFESDKSYNNDKKSRLQDEKKGDGVRVGFFQLFRFSSSTDIWLMFVGSLCAFLHGIAQPGVL
LIFGTMTDVFIDYDVELQELQIPGKACVNNTIVWTNSSLNQNMTNGTRCGLLNIESEMIKFASYYAGIAVAVLITGYIQI
CFWVIAAARQIQKMRKFYFRRIMRMEIGWFDCNSVGELNTRFSDDINKINDAIADQMALFIQRMTSTICGFLLGFFRGWK
LTLVIISVSPLIGIGAATIGLSVSKFTDYELKAYAKAGVVADEVISSMRTVAAFGGEKREVERYEKNLVFAQRWGIRKGI
VMGFFTGFVWCLIFLCYALAFWYGSTLVLDEGEYTPGTLVQIFLSVIVGALNLGNASPCLEAFATGRAAATSIFETIDRK
PIIDCMSEDGYKLDRIKGEIEFHNVTFHYPSRPEVKILNDLNMVIKPGEMTALVGPSGAGKSTALQLIQRFYDPCEGMVT
VDGHDIRSLNIQWLRDQIGIVEQEPVLFSTTIAENIRYGREDATMEDIVQAAKEANAYNFIMDLPQQFDTLVGEGGGQMS
GGQKQRVAIARALIRNPKILLLDMATSALDNESEAMVQEVLSKIQHGHTIISVAHRLSTVRAADTIIGFEHGTAVERGTH
EELLERKGVYFTLVTLQSQGNQALNEEDIKDATEDDMLARTFSRGSYQDSLRASIRQRSKSQLSYLVHEPPLAVVDHKST
YEEDRKDKDIPVQEEVEPAPVRRILKFSAPEWPYMLVGSVGAAVNGTVTPLYAFLFSQILGTFSIPDKEEQRSQINGVCL
LFVAMGCVSLFTQFLQGYAFAKSGELLTKRLRKFGFRAMLGQDIAWFDDLRNSPGALTTRLATDASQVQGAAGSQIGMIV
NSFTNVTVAMIIAFSFSWKLSLVILCFFPFLALSGATQTRMLTGFASRDKQALEMVGQITNEALSNIRTVAGIGKERRFI
EALETELEKPFKTAIQKANIYGFCFAFAQCIMFIANSASYRYGGYLISNEGLHFSYVFRVISAVVLSATALGRAFSYTPS
YAKAKISAARFFQLLDRQPPISVYNTAGEKWDNFQGKIDFVDCKFTYPSRPDSQVLNGLSVSISPGQTLAFVGSSGCGKS
TSIQLLERFYDPDQGKVMIDGHDSKKVNVQFLRSNIGIVSQEPVLFACSIMDNIKYGDNTKEIPMERVIAAAKQAQLHDF
VMSLPEKYETNVGSQGSQLSRGEKQRIAIARAIVRDPKILLLDQATSALDTESEKTVQVALDKAREGRTCIVIAHRLSTI
QNADIIAVMAQGVVIEKGTHEELMAQKGAYYKLVTTGSPIS
;
_entity_poly.pdbx_strand_id   A
#
# COMPACT_ATOMS: atom_id res chain seq x y z
N VAL A 45 -22.65 -0.51 -2.39
CA VAL A 45 -23.07 -1.89 -2.54
C VAL A 45 -23.97 -2.32 -1.39
N GLY A 46 -24.77 -3.35 -1.62
CA GLY A 46 -25.61 -3.88 -0.55
C GLY A 46 -24.77 -4.47 0.56
N PHE A 47 -25.24 -4.29 1.79
CA PHE A 47 -24.49 -4.78 2.94
C PHE A 47 -24.33 -6.29 2.91
N PHE A 48 -25.27 -7.00 2.30
CA PHE A 48 -25.21 -8.45 2.22
C PHE A 48 -24.61 -8.96 0.92
N GLN A 49 -24.11 -8.05 0.07
CA GLN A 49 -23.27 -8.45 -1.04
C GLN A 49 -21.80 -8.55 -0.66
N LEU A 50 -21.44 -8.08 0.54
CA LEU A 50 -20.08 -8.25 1.04
C LEU A 50 -19.76 -9.72 1.30
N PHE A 51 -20.77 -10.58 1.36
CA PHE A 51 -20.60 -12.00 1.61
C PHE A 51 -20.75 -12.83 0.35
N ARG A 52 -20.55 -12.24 -0.82
CA ARG A 52 -20.74 -12.96 -2.07
C ARG A 52 -19.67 -14.01 -2.33
N PHE A 53 -18.61 -14.05 -1.54
CA PHE A 53 -17.55 -15.03 -1.69
C PHE A 53 -17.69 -16.19 -0.71
N SER A 54 -18.79 -16.27 0.02
CA SER A 54 -18.98 -17.30 1.03
C SER A 54 -19.35 -18.64 0.39
N SER A 55 -18.87 -19.71 1.01
CA SER A 55 -19.24 -21.07 0.65
C SER A 55 -20.11 -21.66 1.76
N SER A 56 -20.48 -22.93 1.59
CA SER A 56 -21.39 -23.57 2.55
C SER A 56 -20.80 -23.61 3.94
N THR A 57 -19.52 -23.99 4.05
CA THR A 57 -18.88 -24.06 5.36
C THR A 57 -18.81 -22.69 6.01
N ASP A 58 -18.56 -21.64 5.21
CA ASP A 58 -18.57 -20.29 5.76
C ASP A 58 -19.94 -19.94 6.31
N ILE A 59 -21.02 -20.33 5.61
CA ILE A 59 -22.37 -20.07 6.10
C ILE A 59 -22.61 -20.81 7.41
N TRP A 60 -22.11 -22.05 7.52
CA TRP A 60 -22.27 -22.80 8.76
C TRP A 60 -21.55 -22.09 9.91
N LEU A 61 -20.32 -21.63 9.67
CA LEU A 61 -19.60 -20.91 10.71
C LEU A 61 -20.34 -19.65 11.14
N MET A 62 -20.86 -18.89 10.17
CA MET A 62 -21.61 -17.68 10.51
C MET A 62 -22.85 -18.00 11.33
N PHE A 63 -23.58 -19.05 10.95
CA PHE A 63 -24.79 -19.40 11.68
C PHE A 63 -24.49 -19.79 13.12
N VAL A 64 -23.48 -20.65 13.31
CA VAL A 64 -23.15 -21.10 14.67
C VAL A 64 -22.64 -19.94 15.51
N GLY A 65 -21.75 -19.11 14.95
CA GLY A 65 -21.26 -17.96 15.68
C GLY A 65 -22.36 -16.99 16.03
N SER A 66 -23.34 -16.82 15.14
CA SER A 66 -24.44 -15.91 15.42
C SER A 66 -25.34 -16.45 16.52
N LEU A 67 -25.57 -17.77 16.55
CA LEU A 67 -26.33 -18.34 17.65
C LEU A 67 -25.63 -18.15 18.98
N CYS A 68 -24.30 -18.37 19.00
CA CYS A 68 -23.57 -18.17 20.24
C CYS A 68 -23.57 -16.70 20.66
N ALA A 69 -23.49 -15.78 19.71
CA ALA A 69 -23.58 -14.36 20.03
C ALA A 69 -24.95 -14.01 20.57
N PHE A 70 -26.02 -14.58 20.04
CA PHE A 70 -27.38 -14.36 20.58
C PHE A 70 -27.45 -14.85 22.01
N LEU A 71 -26.89 -16.04 22.34
CA LEU A 71 -26.91 -16.50 23.73
C LEU A 71 -26.11 -15.59 24.64
N HIS A 72 -24.92 -15.17 24.17
CA HIS A 72 -24.11 -14.24 24.95
C HIS A 72 -24.87 -12.94 25.21
N GLY A 73 -25.62 -12.48 24.22
CA GLY A 73 -26.39 -11.26 24.41
C GLY A 73 -27.50 -11.43 25.44
N ILE A 74 -28.20 -12.57 25.41
CA ILE A 74 -29.27 -12.78 26.37
C ILE A 74 -28.76 -13.14 27.75
N ALA A 75 -27.44 -13.35 27.90
CA ALA A 75 -26.88 -13.60 29.22
C ALA A 75 -27.19 -12.47 30.21
N GLN A 76 -27.00 -11.22 29.79
CA GLN A 76 -27.18 -10.08 30.71
C GLN A 76 -28.60 -9.90 31.23
N PRO A 77 -29.66 -10.00 30.42
CA PRO A 77 -31.01 -9.91 30.99
C PRO A 77 -31.27 -10.95 32.08
N GLY A 78 -30.63 -12.13 31.99
CA GLY A 78 -30.71 -13.06 33.09
C GLY A 78 -30.12 -12.49 34.37
N VAL A 79 -29.02 -11.73 34.24
CA VAL A 79 -28.45 -11.04 35.39
C VAL A 79 -29.46 -10.05 35.95
N LEU A 80 -30.16 -9.34 35.08
CA LEU A 80 -31.19 -8.43 35.56
C LEU A 80 -32.27 -9.17 36.33
N LEU A 81 -32.69 -10.31 35.81
CA LEU A 81 -33.75 -11.09 36.46
C LEU A 81 -33.31 -11.58 37.83
N ILE A 82 -32.07 -12.08 37.95
CA ILE A 82 -31.64 -12.59 39.25
C ILE A 82 -31.47 -11.44 40.24
N PHE A 83 -31.02 -10.27 39.77
CA PHE A 83 -30.94 -9.13 40.67
C PHE A 83 -32.31 -8.72 41.18
N GLY A 84 -33.33 -8.72 40.30
CA GLY A 84 -34.68 -8.42 40.75
C GLY A 84 -35.20 -9.42 41.76
N THR A 85 -34.97 -10.71 41.50
CA THR A 85 -35.39 -11.74 42.45
C THR A 85 -34.70 -11.56 43.80
N MET A 86 -33.40 -11.25 43.78
CA MET A 86 -32.65 -11.04 45.01
C MET A 86 -33.21 -9.86 45.80
N THR A 87 -33.53 -8.76 45.10
CA THR A 87 -34.12 -7.62 45.79
C THR A 87 -35.46 -7.99 46.42
N ASP A 88 -36.28 -8.73 45.69
CA ASP A 88 -37.58 -9.14 46.23
C ASP A 88 -37.42 -9.97 47.49
N VAL A 89 -36.52 -10.95 47.45
CA VAL A 89 -36.34 -11.81 48.63
C VAL A 89 -35.72 -11.02 49.78
N PHE A 90 -34.88 -10.03 49.48
CA PHE A 90 -34.30 -9.21 50.55
C PHE A 90 -35.37 -8.43 51.29
N ILE A 91 -36.28 -7.78 50.55
CA ILE A 91 -37.35 -7.04 51.23
C ILE A 91 -38.29 -7.99 51.96
N ASP A 92 -38.59 -9.14 51.35
CA ASP A 92 -39.47 -10.11 52.03
C ASP A 92 -38.82 -10.65 53.29
N TYR A 93 -37.49 -10.71 53.34
CA TYR A 93 -36.82 -11.14 54.56
C TYR A 93 -36.79 -10.03 55.61
N ASP A 94 -36.59 -8.78 55.21
CA ASP A 94 -36.48 -7.73 56.20
C ASP A 94 -37.83 -7.23 56.71
N VAL A 95 -38.93 -7.53 56.03
CA VAL A 95 -40.23 -7.12 56.55
C VAL A 95 -40.55 -7.81 57.86
N GLU A 96 -40.21 -9.11 57.97
CA GLU A 96 -40.48 -9.81 59.22
C GLU A 96 -39.50 -9.39 60.31
N LEU A 97 -38.28 -9.02 59.94
CA LEU A 97 -37.36 -8.44 60.92
C LEU A 97 -37.89 -7.11 61.45
N GLN A 98 -38.49 -6.31 60.57
CA GLN A 98 -39.18 -5.10 61.01
C GLN A 98 -40.34 -5.43 61.93
N GLU A 99 -41.06 -6.52 61.63
CA GLU A 99 -42.12 -6.98 62.52
C GLU A 99 -41.58 -7.27 63.92
N LEU A 100 -40.53 -8.09 64.00
CA LEU A 100 -39.97 -8.49 65.28
C LEU A 100 -38.92 -7.50 65.79
N ARG A 128 -45.20 -20.36 58.91
CA ARG A 128 -45.21 -19.15 58.06
C ARG A 128 -43.88 -18.41 58.17
N CYS A 129 -43.87 -17.36 58.97
CA CYS A 129 -42.64 -16.59 59.18
C CYS A 129 -41.61 -17.42 59.93
N GLY A 130 -40.33 -17.17 59.61
CA GLY A 130 -39.25 -17.93 60.17
C GLY A 130 -38.87 -19.17 59.40
N LEU A 131 -39.60 -19.49 58.33
CA LEU A 131 -39.31 -20.65 57.51
C LEU A 131 -38.34 -20.36 56.38
N LEU A 132 -38.22 -19.10 55.97
CA LEU A 132 -37.37 -18.69 54.85
C LEU A 132 -36.11 -18.03 55.39
N ASN A 133 -34.95 -18.53 54.99
CA ASN A 133 -33.68 -17.96 55.37
C ASN A 133 -33.06 -17.22 54.19
N ILE A 134 -31.84 -16.73 54.38
CA ILE A 134 -31.14 -15.94 53.39
C ILE A 134 -30.00 -16.72 52.75
N GLU A 135 -29.27 -17.52 53.55
CA GLU A 135 -28.07 -18.17 53.04
C GLU A 135 -28.38 -19.15 51.92
N SER A 136 -29.44 -19.94 52.06
CA SER A 136 -29.74 -20.92 51.02
C SER A 136 -29.99 -20.24 49.68
N GLU A 137 -30.74 -19.13 49.68
CA GLU A 137 -30.97 -18.40 48.45
C GLU A 137 -29.71 -17.69 47.96
N MET A 138 -28.83 -17.30 48.88
CA MET A 138 -27.58 -16.66 48.48
C MET A 138 -26.68 -17.65 47.72
N ILE A 139 -26.56 -18.86 48.25
CA ILE A 139 -25.84 -19.93 47.54
C ILE A 139 -26.53 -20.27 46.21
N LYS A 140 -27.87 -20.27 46.20
CA LYS A 140 -28.57 -20.51 44.94
C LYS A 140 -28.21 -19.46 43.89
N PHE A 141 -28.20 -18.19 44.28
CA PHE A 141 -27.82 -17.13 43.35
C PHE A 141 -26.38 -17.28 42.89
N ALA A 142 -25.49 -17.65 43.80
CA ALA A 142 -24.09 -17.87 43.41
C ALA A 142 -23.98 -18.99 42.38
N SER A 143 -24.75 -20.07 42.56
CA SER A 143 -24.73 -21.17 41.61
C SER A 143 -25.27 -20.73 40.25
N TYR A 144 -26.31 -19.89 40.26
CA TYR A 144 -26.84 -19.38 38.99
C TYR A 144 -25.79 -18.53 38.27
N TYR A 145 -25.16 -17.60 38.98
CA TYR A 145 -24.03 -16.82 38.41
C TYR A 145 -22.87 -17.72 37.95
N ALA A 146 -22.54 -18.85 38.57
CA ALA A 146 -21.52 -19.77 38.05
C ALA A 146 -21.97 -20.41 36.74
N GLY A 147 -23.24 -20.84 36.69
CA GLY A 147 -23.73 -21.44 35.47
C GLY A 147 -23.72 -20.48 34.29
N ILE A 148 -24.21 -19.25 34.52
CA ILE A 148 -24.21 -18.30 33.43
C ILE A 148 -22.80 -17.92 33.02
N ALA A 149 -21.85 -17.95 33.97
CA ALA A 149 -20.46 -17.66 33.62
C ALA A 149 -19.86 -18.74 32.73
N VAL A 150 -20.12 -20.01 33.05
CA VAL A 150 -19.64 -21.09 32.18
C VAL A 150 -20.24 -20.94 30.78
N ALA A 151 -21.55 -20.68 30.73
CA ALA A 151 -22.20 -20.50 29.44
C ALA A 151 -21.61 -19.34 28.66
N VAL A 152 -21.35 -18.22 29.34
CA VAL A 152 -20.86 -17.03 28.64
C VAL A 152 -19.44 -17.25 28.12
N LEU A 153 -18.61 -17.97 28.90
CA LEU A 153 -17.29 -18.31 28.40
C LEU A 153 -17.38 -19.12 27.11
N ILE A 154 -18.17 -20.20 27.14
CA ILE A 154 -18.27 -21.06 25.96
C ILE A 154 -18.79 -20.28 24.76
N THR A 155 -19.88 -19.53 24.96
CA THR A 155 -20.51 -18.84 23.84
C THR A 155 -19.61 -17.75 23.27
N GLY A 156 -18.94 -16.97 24.13
CA GLY A 156 -18.07 -15.93 23.63
C GLY A 156 -16.92 -16.48 22.82
N TYR A 157 -16.27 -17.53 23.34
CA TYR A 157 -15.18 -18.14 22.58
C TYR A 157 -15.67 -18.60 21.22
N ILE A 158 -16.78 -19.32 21.17
CA ILE A 158 -17.25 -19.87 19.90
C ILE A 158 -17.60 -18.75 18.93
N GLN A 159 -18.30 -17.72 19.41
CA GLN A 159 -18.74 -16.65 18.50
C GLN A 159 -17.55 -15.93 17.89
N ILE A 160 -16.58 -15.52 18.73
CA ILE A 160 -15.44 -14.77 18.22
C ILE A 160 -14.64 -15.61 17.24
N CYS A 161 -14.33 -16.85 17.65
CA CYS A 161 -13.51 -17.71 16.79
C CYS A 161 -14.19 -17.94 15.44
N PHE A 162 -15.46 -18.34 15.45
CA PHE A 162 -16.13 -18.72 14.21
C PHE A 162 -16.26 -17.52 13.27
N TRP A 163 -16.62 -16.35 13.80
CA TRP A 163 -16.76 -15.20 12.92
C TRP A 163 -15.41 -14.82 12.31
N VAL A 164 -14.32 -14.91 13.09
CA VAL A 164 -13.02 -14.57 12.54
C VAL A 164 -12.62 -15.55 11.43
N ILE A 165 -12.85 -16.86 11.63
CA ILE A 165 -12.51 -17.81 10.57
C ILE A 165 -13.28 -17.50 9.30
N ALA A 166 -14.59 -17.26 9.42
CA ALA A 166 -15.40 -17.01 8.24
C ALA A 166 -14.89 -15.77 7.49
N ALA A 167 -14.63 -14.70 8.23
CA ALA A 167 -14.14 -13.48 7.59
C ALA A 167 -12.80 -13.70 6.90
N ALA A 168 -11.88 -14.43 7.55
CA ALA A 168 -10.57 -14.65 6.96
C ALA A 168 -10.67 -15.44 5.66
N ARG A 169 -11.48 -16.50 5.65
CA ARG A 169 -11.64 -17.28 4.43
C ARG A 169 -12.22 -16.44 3.30
N GLN A 170 -13.26 -15.66 3.61
CA GLN A 170 -13.88 -14.81 2.58
C GLN A 170 -12.88 -13.82 2.02
N ILE A 171 -12.10 -13.18 2.89
CA ILE A 171 -11.14 -12.17 2.45
C ILE A 171 -10.05 -12.78 1.59
N GLN A 172 -9.55 -13.95 1.98
CA GLN A 172 -8.55 -14.62 1.17
C GLN A 172 -9.08 -14.90 -0.23
N LYS A 173 -10.31 -15.44 -0.31
CA LYS A 173 -10.89 -15.73 -1.62
C LYS A 173 -11.05 -14.47 -2.46
N MET A 174 -11.51 -13.38 -1.85
CA MET A 174 -11.74 -12.17 -2.63
C MET A 174 -10.44 -11.54 -3.10
N ARG A 175 -9.38 -11.63 -2.29
CA ARG A 175 -8.08 -11.12 -2.72
C ARG A 175 -7.55 -11.92 -3.91
N LYS A 176 -7.67 -13.25 -3.85
CA LYS A 176 -7.23 -14.07 -4.97
C LYS A 176 -8.00 -13.71 -6.24
N PHE A 177 -9.32 -13.57 -6.13
CA PHE A 177 -10.14 -13.25 -7.30
C PHE A 177 -9.79 -11.87 -7.84
N TYR A 178 -9.56 -10.90 -6.96
CA TYR A 178 -9.21 -9.55 -7.41
C TYR A 178 -7.92 -9.55 -8.20
N PHE A 179 -6.90 -10.24 -7.69
CA PHE A 179 -5.63 -10.27 -8.43
C PHE A 179 -5.78 -11.01 -9.75
N ARG A 180 -6.53 -12.11 -9.77
CA ARG A 180 -6.73 -12.84 -11.03
C ARG A 180 -7.40 -11.95 -12.07
N ARG A 181 -8.46 -11.24 -11.66
CA ARG A 181 -9.18 -10.41 -12.61
C ARG A 181 -8.32 -9.24 -13.08
N ILE A 182 -7.54 -8.65 -12.18
CA ILE A 182 -6.65 -7.56 -12.58
C ILE A 182 -5.62 -8.04 -13.59
N MET A 183 -5.02 -9.21 -13.34
CA MET A 183 -4.04 -9.74 -14.29
C MET A 183 -4.68 -10.08 -15.62
N ARG A 184 -5.95 -10.50 -15.62
CA ARG A 184 -6.61 -10.91 -16.84
C ARG A 184 -6.97 -9.76 -17.77
N MET A 185 -6.80 -8.51 -17.31
CA MET A 185 -7.25 -7.35 -18.07
C MET A 185 -6.35 -7.09 -19.28
N GLU A 186 -6.74 -6.10 -20.08
CA GLU A 186 -6.05 -5.77 -21.32
C GLU A 186 -5.15 -4.54 -21.14
N ILE A 187 -4.26 -4.34 -22.11
CA ILE A 187 -3.16 -3.37 -21.97
C ILE A 187 -3.68 -1.94 -21.89
N GLY A 188 -4.66 -1.58 -22.74
CA GLY A 188 -5.17 -0.22 -22.74
C GLY A 188 -5.80 0.16 -21.41
N TRP A 189 -6.48 -0.80 -20.77
CA TRP A 189 -7.02 -0.56 -19.43
C TRP A 189 -5.91 -0.20 -18.45
N PHE A 190 -4.74 -0.84 -18.60
CA PHE A 190 -3.59 -0.48 -17.78
C PHE A 190 -3.03 0.88 -18.16
N ASP A 191 -3.18 1.25 -19.43
CA ASP A 191 -2.71 2.59 -19.88
C ASP A 191 -3.56 3.66 -19.20
N CYS A 192 -4.86 3.40 -19.01
CA CYS A 192 -5.75 4.36 -18.38
C CYS A 192 -5.75 4.29 -16.86
N ASN A 193 -5.13 3.28 -16.25
CA ASN A 193 -5.21 3.07 -14.82
C ASN A 193 -3.81 2.98 -14.22
N SER A 194 -3.64 3.59 -13.04
CA SER A 194 -2.34 3.65 -12.39
C SER A 194 -2.15 2.46 -11.46
N VAL A 195 -0.91 1.95 -11.44
CA VAL A 195 -0.60 0.78 -10.62
C VAL A 195 -0.59 1.14 -9.14
N GLY A 196 -0.25 2.38 -8.78
CA GLY A 196 -0.33 2.79 -7.40
C GLY A 196 -1.75 2.73 -6.87
N GLU A 197 -2.71 3.11 -7.70
CA GLU A 197 -4.13 2.97 -7.34
C GLU A 197 -4.46 1.52 -6.97
N LEU A 198 -4.10 0.58 -7.84
CA LEU A 198 -4.44 -0.81 -7.61
C LEU A 198 -3.72 -1.37 -6.39
N ASN A 199 -2.44 -1.00 -6.19
CA ASN A 199 -1.72 -1.44 -5.01
C ASN A 199 -2.38 -0.92 -3.73
N THR A 200 -2.75 0.35 -3.72
CA THR A 200 -3.40 0.92 -2.54
C THR A 200 -4.74 0.24 -2.27
N ARG A 201 -5.52 -0.03 -3.33
CA ARG A 201 -6.76 -0.78 -3.15
C ARG A 201 -6.48 -2.14 -2.51
N PHE A 202 -5.65 -2.94 -3.17
CA PHE A 202 -5.36 -4.30 -2.74
C PHE A 202 -4.80 -4.34 -1.31
N SER A 203 -4.15 -3.26 -0.88
CA SER A 203 -3.60 -3.25 0.47
C SER A 203 -4.62 -2.80 1.51
N ASP A 204 -5.31 -1.70 1.26
CA ASP A 204 -6.10 -1.04 2.30
C ASP A 204 -7.60 -1.30 2.20
N ASP A 205 -8.18 -1.29 0.99
CA ASP A 205 -9.63 -1.38 0.90
C ASP A 205 -10.12 -2.77 1.29
N ILE A 206 -9.43 -3.81 0.85
CA ILE A 206 -9.80 -5.17 1.25
C ILE A 206 -9.58 -5.36 2.74
N ASN A 207 -8.57 -4.70 3.31
CA ASN A 207 -8.37 -4.73 4.75
C ASN A 207 -9.55 -4.10 5.48
N LYS A 208 -10.05 -2.98 4.99
CA LYS A 208 -11.23 -2.35 5.59
C LYS A 208 -12.46 -3.25 5.45
N ILE A 209 -12.60 -3.90 4.30
CA ILE A 209 -13.71 -4.84 4.11
C ILE A 209 -13.63 -5.97 5.13
N ASN A 210 -12.42 -6.51 5.34
CA ASN A 210 -12.22 -7.52 6.37
C ASN A 210 -12.59 -7.00 7.75
N ASP A 211 -12.20 -5.76 8.05
CA ASP A 211 -12.53 -5.17 9.33
C ASP A 211 -14.04 -5.02 9.52
N ALA A 212 -14.77 -4.87 8.41
CA ALA A 212 -16.21 -4.65 8.52
C ALA A 212 -16.96 -5.91 8.98
N ILE A 213 -16.46 -7.09 8.63
CA ILE A 213 -17.23 -8.32 8.76
C ILE A 213 -16.57 -9.34 9.67
N ALA A 214 -15.47 -8.98 10.35
CA ALA A 214 -14.70 -9.98 11.07
C ALA A 214 -15.31 -10.30 12.43
N ASP A 215 -15.32 -9.33 13.34
CA ASP A 215 -15.86 -9.51 14.68
C ASP A 215 -16.74 -8.37 15.12
N GLN A 216 -16.70 -7.22 14.44
CA GLN A 216 -17.66 -6.17 14.70
C GLN A 216 -19.07 -6.66 14.42
N MET A 217 -19.17 -7.68 13.56
CA MET A 217 -20.48 -8.24 13.15
C MET A 217 -21.04 -9.02 14.32
N ALA A 218 -20.18 -9.81 14.97
CA ALA A 218 -20.58 -10.59 16.13
C ALA A 218 -20.88 -9.70 17.33
N LEU A 219 -20.03 -8.69 17.56
CA LEU A 219 -20.27 -7.77 18.65
C LEU A 219 -21.59 -7.01 18.45
N PHE A 220 -21.87 -6.59 17.22
CA PHE A 220 -23.11 -5.89 16.92
C PHE A 220 -24.31 -6.79 17.16
N ILE A 221 -24.23 -8.05 16.75
CA ILE A 221 -25.33 -8.99 16.98
C ILE A 221 -25.57 -9.15 18.49
N GLN A 222 -24.49 -9.31 19.25
CA GLN A 222 -24.62 -9.49 20.70
C GLN A 222 -25.25 -8.26 21.35
N ARG A 223 -24.79 -7.07 20.98
CA ARG A 223 -25.34 -5.85 21.57
C ARG A 223 -26.79 -5.64 21.15
N MET A 224 -27.13 -6.02 19.91
CA MET A 224 -28.51 -5.90 19.46
C MET A 224 -29.44 -6.81 20.25
N THR A 225 -29.04 -8.08 20.44
CA THR A 225 -29.92 -8.97 21.20
C THR A 225 -30.00 -8.56 22.65
N SER A 226 -28.89 -8.08 23.23
CA SER A 226 -28.96 -7.60 24.61
C SER A 226 -29.90 -6.41 24.74
N THR A 227 -29.84 -5.47 23.81
CA THR A 227 -30.71 -4.30 23.88
C THR A 227 -32.17 -4.69 23.68
N ILE A 228 -32.45 -5.55 22.70
CA ILE A 228 -33.84 -5.91 22.44
C ILE A 228 -34.41 -6.70 23.62
N CYS A 229 -33.60 -7.52 24.27
CA CYS A 229 -34.09 -8.27 25.42
C CYS A 229 -34.27 -7.36 26.63
N GLY A 230 -33.38 -6.39 26.81
CA GLY A 230 -33.59 -5.41 27.87
C GLY A 230 -34.84 -4.58 27.67
N PHE A 231 -35.18 -4.30 26.41
CA PHE A 231 -36.44 -3.61 26.12
C PHE A 231 -37.64 -4.51 26.41
N LEU A 232 -37.61 -5.75 25.91
CA LEU A 232 -38.78 -6.62 26.06
C LEU A 232 -38.93 -7.18 27.46
N LEU A 233 -37.94 -6.98 28.34
CA LEU A 233 -38.14 -7.35 29.74
C LEU A 233 -39.30 -6.58 30.34
N GLY A 234 -39.43 -5.29 30.01
CA GLY A 234 -40.57 -4.52 30.47
C GLY A 234 -41.89 -5.02 29.92
N PHE A 235 -41.88 -5.52 28.67
CA PHE A 235 -43.11 -6.05 28.07
C PHE A 235 -43.53 -7.36 28.74
N PHE A 236 -42.59 -8.28 28.91
CA PHE A 236 -42.92 -9.56 29.52
C PHE A 236 -43.19 -9.41 31.02
N ARG A 237 -42.32 -8.68 31.72
CA ARG A 237 -42.46 -8.41 33.15
C ARG A 237 -42.78 -6.93 33.33
N GLY A 238 -44.00 -6.64 33.75
CA GLY A 238 -44.53 -5.30 33.71
C GLY A 238 -45.41 -5.08 32.50
N TRP A 239 -46.24 -4.04 32.58
CA TRP A 239 -47.17 -3.77 31.50
C TRP A 239 -47.48 -2.28 31.45
N LYS A 240 -47.72 -1.78 30.23
CA LYS A 240 -48.13 -0.40 29.98
C LYS A 240 -47.11 0.59 30.56
N LEU A 241 -45.83 0.26 30.42
CA LEU A 241 -44.75 1.19 30.70
C LEU A 241 -43.79 1.37 29.53
N THR A 242 -43.72 0.39 28.61
CA THR A 242 -42.85 0.43 27.46
C THR A 242 -43.58 0.94 26.21
N LEU A 243 -44.62 1.75 26.39
CA LEU A 243 -45.39 2.28 25.28
C LEU A 243 -44.62 3.30 24.46
N VAL A 244 -43.46 3.76 24.93
CA VAL A 244 -42.80 4.89 24.30
C VAL A 244 -41.58 4.43 23.49
N ILE A 245 -41.00 3.29 23.83
CA ILE A 245 -39.92 2.78 23.00
C ILE A 245 -40.45 2.36 21.64
N ILE A 246 -41.65 1.76 21.60
CA ILE A 246 -42.28 1.43 20.33
C ILE A 246 -42.56 2.70 19.54
N SER A 247 -42.82 3.81 20.25
CA SER A 247 -43.10 5.07 19.57
C SER A 247 -41.84 5.72 19.03
N VAL A 248 -40.70 5.54 19.71
CA VAL A 248 -39.48 6.26 19.33
C VAL A 248 -38.49 5.44 18.51
N SER A 249 -38.67 4.12 18.44
CA SER A 249 -37.71 3.29 17.69
C SER A 249 -37.55 3.70 16.23
N PRO A 250 -38.61 4.00 15.46
CA PRO A 250 -38.38 4.38 14.05
C PRO A 250 -37.48 5.58 13.88
N LEU A 251 -37.53 6.55 14.80
CA LEU A 251 -36.63 7.69 14.71
C LEU A 251 -35.17 7.24 14.81
N ILE A 252 -34.88 6.32 15.73
CA ILE A 252 -33.54 5.78 15.83
C ILE A 252 -33.16 5.07 14.54
N GLY A 253 -34.11 4.34 13.94
CA GLY A 253 -33.81 3.65 12.70
C GLY A 253 -33.43 4.59 11.57
N ILE A 254 -34.22 5.66 11.38
CA ILE A 254 -33.91 6.60 10.31
C ILE A 254 -32.60 7.33 10.60
N GLY A 255 -32.35 7.69 11.86
CA GLY A 255 -31.09 8.32 12.19
C GLY A 255 -29.90 7.43 11.84
N ALA A 256 -30.00 6.15 12.18
CA ALA A 256 -28.91 5.22 11.87
C ALA A 256 -28.71 5.09 10.36
N ALA A 257 -29.81 4.99 9.60
CA ALA A 257 -29.68 4.87 8.15
C ALA A 257 -29.02 6.11 7.54
N THR A 258 -29.45 7.29 7.97
CA THR A 258 -28.89 8.52 7.41
C THR A 258 -27.41 8.67 7.76
N ILE A 259 -27.05 8.39 9.02
CA ILE A 259 -25.63 8.52 9.37
C ILE A 259 -24.81 7.47 8.63
N GLY A 260 -25.36 6.28 8.39
CA GLY A 260 -24.63 5.30 7.61
C GLY A 260 -24.35 5.78 6.21
N LEU A 261 -25.36 6.36 5.54
CA LEU A 261 -25.15 6.91 4.22
C LEU A 261 -24.08 8.00 4.22
N SER A 262 -24.16 8.90 5.21
CA SER A 262 -23.21 10.01 5.28
C SER A 262 -21.79 9.52 5.44
N VAL A 263 -21.56 8.58 6.37
CA VAL A 263 -20.20 8.12 6.58
C VAL A 263 -19.72 7.26 5.43
N SER A 264 -20.62 6.61 4.69
CA SER A 264 -20.19 5.92 3.48
C SER A 264 -19.69 6.90 2.43
N LYS A 265 -20.38 8.04 2.26
CA LYS A 265 -19.89 9.06 1.33
C LYS A 265 -18.53 9.61 1.77
N PHE A 266 -18.40 9.91 3.05
CA PHE A 266 -17.13 10.42 3.56
C PHE A 266 -16.01 9.40 3.36
N THR A 267 -16.32 8.12 3.55
CA THR A 267 -15.33 7.08 3.30
C THR A 267 -14.92 7.04 1.85
N ASP A 268 -15.87 7.21 0.93
CA ASP A 268 -15.53 7.23 -0.49
C ASP A 268 -14.51 8.34 -0.77
N TYR A 269 -14.78 9.54 -0.25
CA TYR A 269 -13.86 10.65 -0.46
C TYR A 269 -12.49 10.36 0.15
N GLU A 270 -12.48 9.80 1.36
CA GLU A 270 -11.24 9.47 2.06
C GLU A 270 -10.38 8.47 1.27
N LEU A 271 -11.00 7.41 0.75
CA LEU A 271 -10.23 6.44 -0.02
C LEU A 271 -9.75 7.02 -1.34
N LYS A 272 -10.51 7.92 -1.97
CA LYS A 272 -9.99 8.57 -3.16
C LYS A 272 -8.73 9.37 -2.85
N ALA A 273 -8.75 10.12 -1.75
CA ALA A 273 -7.56 10.89 -1.37
C ALA A 273 -6.37 9.97 -1.08
N TYR A 274 -6.60 8.89 -0.34
CA TYR A 274 -5.50 7.97 -0.03
C TYR A 274 -4.96 7.28 -1.28
N ALA A 275 -5.82 6.99 -2.25
CA ALA A 275 -5.34 6.40 -3.49
C ALA A 275 -4.46 7.37 -4.27
N LYS A 276 -4.84 8.64 -4.31
CA LYS A 276 -3.99 9.64 -4.94
C LYS A 276 -2.63 9.73 -4.25
N ALA A 277 -2.63 9.75 -2.92
CA ALA A 277 -1.38 9.80 -2.17
C ALA A 277 -0.53 8.56 -2.44
N GLY A 278 -1.17 7.40 -2.55
CA GLY A 278 -0.43 6.18 -2.85
C GLY A 278 0.22 6.22 -4.21
N VAL A 279 -0.48 6.75 -5.22
CA VAL A 279 0.13 6.89 -6.54
C VAL A 279 1.34 7.82 -6.49
N VAL A 280 1.20 8.95 -5.79
CA VAL A 280 2.33 9.88 -5.65
C VAL A 280 3.52 9.18 -5.03
N ALA A 281 3.29 8.48 -3.91
CA ALA A 281 4.38 7.81 -3.21
C ALA A 281 5.02 6.74 -4.08
N ASP A 282 4.21 5.97 -4.80
CA ASP A 282 4.76 4.92 -5.65
C ASP A 282 5.69 5.50 -6.71
N GLU A 283 5.23 6.54 -7.41
CA GLU A 283 6.07 7.10 -8.48
C GLU A 283 7.34 7.72 -7.90
N VAL A 284 7.23 8.45 -6.79
CA VAL A 284 8.39 9.11 -6.22
C VAL A 284 9.42 8.08 -5.74
N ILE A 285 8.95 7.01 -5.11
CA ILE A 285 9.87 6.00 -4.58
C ILE A 285 10.52 5.23 -5.73
N SER A 286 9.76 4.93 -6.79
CA SER A 286 10.33 4.20 -7.92
C SER A 286 11.23 5.07 -8.78
N SER A 287 11.20 6.39 -8.62
CA SER A 287 12.08 7.25 -9.41
C SER A 287 13.13 7.94 -8.54
N MET A 288 13.77 7.16 -7.65
CA MET A 288 14.60 7.73 -6.59
C MET A 288 15.86 8.36 -7.14
N ARG A 289 16.51 7.72 -8.13
CA ARG A 289 17.74 8.30 -8.67
C ARG A 289 17.49 9.66 -9.31
N THR A 290 16.41 9.77 -10.10
CA THR A 290 16.08 11.06 -10.70
C THR A 290 15.67 12.09 -9.66
N VAL A 291 14.84 11.69 -8.70
CA VAL A 291 14.39 12.67 -7.71
C VAL A 291 15.56 13.14 -6.85
N ALA A 292 16.59 12.29 -6.66
CA ALA A 292 17.78 12.72 -5.95
C ALA A 292 18.63 13.63 -6.83
N ALA A 293 18.78 13.29 -8.11
CA ALA A 293 19.61 14.07 -9.00
C ALA A 293 19.08 15.50 -9.14
N PHE A 294 17.76 15.66 -9.27
CA PHE A 294 17.19 16.98 -9.48
C PHE A 294 16.66 17.61 -8.20
N GLY A 295 16.88 16.99 -7.04
CA GLY A 295 16.58 17.61 -5.76
C GLY A 295 15.13 17.96 -5.51
N GLY A 296 14.23 17.01 -5.78
CA GLY A 296 12.81 17.29 -5.66
C GLY A 296 12.14 16.81 -4.39
N GLU A 297 12.92 16.57 -3.33
CA GLU A 297 12.36 15.97 -2.11
C GLU A 297 11.27 16.85 -1.50
N LYS A 298 11.52 18.15 -1.40
CA LYS A 298 10.54 19.06 -0.81
C LYS A 298 9.24 19.07 -1.62
N ARG A 299 9.36 19.08 -2.95
CA ARG A 299 8.17 19.06 -3.78
C ARG A 299 7.35 17.80 -3.53
N GLU A 300 8.01 16.66 -3.41
CA GLU A 300 7.28 15.41 -3.22
C GLU A 300 6.64 15.33 -1.84
N VAL A 301 7.31 15.85 -0.81
CA VAL A 301 6.66 15.82 0.51
C VAL A 301 5.44 16.74 0.53
N GLU A 302 5.52 17.89 -0.16
CA GLU A 302 4.33 18.74 -0.25
C GLU A 302 3.21 18.07 -1.04
N ARG A 303 3.57 17.40 -2.13
CA ARG A 303 2.59 16.70 -2.95
C ARG A 303 1.88 15.62 -2.15
N TYR A 304 2.62 14.87 -1.33
CA TYR A 304 2.02 13.89 -0.44
C TYR A 304 1.12 14.55 0.60
N GLU A 305 1.59 15.66 1.18
CA GLU A 305 0.86 16.30 2.27
C GLU A 305 -0.48 16.84 1.80
N LYS A 306 -0.60 17.20 0.52
CA LYS A 306 -1.90 17.70 0.02
C LYS A 306 -2.99 16.64 0.17
N ASN A 307 -2.74 15.44 -0.36
CA ASN A 307 -3.70 14.36 -0.23
C ASN A 307 -3.88 13.94 1.22
N LEU A 308 -2.81 13.98 2.01
CA LEU A 308 -2.94 13.69 3.44
C LEU A 308 -3.94 14.65 4.10
N VAL A 309 -3.87 15.93 3.77
CA VAL A 309 -4.75 16.93 4.35
C VAL A 309 -6.20 16.67 3.94
N PHE A 310 -6.42 16.34 2.65
CA PHE A 310 -7.77 16.04 2.20
C PHE A 310 -8.38 14.88 2.97
N ALA A 311 -7.62 13.78 3.06
CA ALA A 311 -8.12 12.61 3.78
C ALA A 311 -8.35 12.92 5.25
N GLN A 312 -7.50 13.77 5.84
CA GLN A 312 -7.68 14.15 7.24
C GLN A 312 -8.99 14.88 7.45
N ARG A 313 -9.32 15.80 6.53
CA ARG A 313 -10.59 16.50 6.64
C ARG A 313 -11.78 15.55 6.58
N TRP A 314 -11.73 14.59 5.65
CA TRP A 314 -12.83 13.64 5.57
C TRP A 314 -12.93 12.79 6.83
N GLY A 315 -11.78 12.40 7.40
CA GLY A 315 -11.79 11.62 8.62
C GLY A 315 -12.39 12.37 9.81
N ILE A 316 -12.03 13.65 9.95
CA ILE A 316 -12.61 14.40 11.06
C ILE A 316 -14.12 14.57 10.88
N ARG A 317 -14.58 14.72 9.63
CA ARG A 317 -16.03 14.78 9.41
C ARG A 317 -16.70 13.48 9.85
N LYS A 318 -16.11 12.33 9.50
CA LYS A 318 -16.64 11.04 9.93
C LYS A 318 -16.73 10.98 11.46
N GLY A 319 -15.67 11.37 12.14
CA GLY A 319 -15.68 11.37 13.59
C GLY A 319 -16.78 12.24 14.16
N ILE A 320 -16.98 13.42 13.57
CA ILE A 320 -18.00 14.34 14.06
C ILE A 320 -19.39 13.70 13.98
N VAL A 321 -19.72 13.15 12.81
CA VAL A 321 -21.07 12.60 12.64
C VAL A 321 -21.28 11.41 13.56
N MET A 322 -20.26 10.56 13.73
CA MET A 322 -20.41 9.41 14.62
C MET A 322 -20.61 9.82 16.06
N GLY A 323 -19.82 10.79 16.55
CA GLY A 323 -19.99 11.26 17.91
C GLY A 323 -21.37 11.83 18.15
N PHE A 324 -21.89 12.58 17.17
CA PHE A 324 -23.25 13.10 17.31
C PHE A 324 -24.25 11.95 17.38
N PHE A 325 -24.06 10.91 16.57
CA PHE A 325 -25.00 9.79 16.62
C PHE A 325 -25.04 9.17 18.01
N THR A 326 -23.88 8.92 18.60
CA THR A 326 -23.84 8.26 19.91
C THR A 326 -24.47 9.15 20.99
N GLY A 327 -24.09 10.42 21.02
CA GLY A 327 -24.67 11.32 22.01
C GLY A 327 -26.18 11.44 21.86
N PHE A 328 -26.65 11.52 20.61
CA PHE A 328 -28.08 11.59 20.35
C PHE A 328 -28.80 10.35 20.84
N VAL A 329 -28.21 9.17 20.62
CA VAL A 329 -28.83 7.94 21.09
C VAL A 329 -29.01 7.97 22.60
N TRP A 330 -27.95 8.32 23.33
CA TRP A 330 -28.04 8.34 24.78
C TRP A 330 -29.09 9.34 25.27
N CYS A 331 -29.03 10.58 24.77
CA CYS A 331 -29.95 11.61 25.22
C CYS A 331 -31.39 11.25 24.90
N LEU A 332 -31.61 10.62 23.76
CA LEU A 332 -32.98 10.32 23.36
C LEU A 332 -33.46 9.31 24.37
N ILE A 333 -32.72 8.22 24.48
CA ILE A 333 -33.22 7.13 25.33
C ILE A 333 -33.61 7.66 26.69
N PHE A 334 -32.74 8.45 27.32
CA PHE A 334 -33.04 8.91 28.67
C PHE A 334 -34.23 9.85 28.69
N LEU A 335 -34.33 10.75 27.70
CA LEU A 335 -35.48 11.66 27.63
C LEU A 335 -36.77 10.89 27.43
N CYS A 336 -36.75 9.90 26.54
CA CYS A 336 -37.93 9.07 26.30
C CYS A 336 -38.42 8.44 27.58
N TYR A 337 -37.52 7.80 28.34
CA TYR A 337 -38.01 7.12 29.54
C TYR A 337 -38.36 8.10 30.65
N ALA A 338 -37.76 9.30 30.65
CA ALA A 338 -38.19 10.31 31.61
C ALA A 338 -39.63 10.72 31.37
N LEU A 339 -39.98 10.98 30.10
CA LEU A 339 -41.36 11.33 29.79
C LEU A 339 -42.30 10.16 30.07
N ALA A 340 -41.84 8.94 29.80
CA ALA A 340 -42.64 7.75 30.07
C ALA A 340 -42.95 7.64 31.56
N PHE A 341 -41.96 7.86 32.41
CA PHE A 341 -42.22 7.83 33.84
C PHE A 341 -43.07 9.02 34.27
N TRP A 342 -43.02 10.13 33.53
CA TRP A 342 -43.87 11.27 33.89
C TRP A 342 -45.34 10.95 33.66
N TYR A 343 -45.69 10.44 32.49
CA TYR A 343 -47.10 10.31 32.15
C TYR A 343 -47.68 8.92 32.37
N GLY A 344 -46.91 7.87 32.11
CA GLY A 344 -47.42 6.52 32.33
C GLY A 344 -47.85 6.28 33.77
N SER A 345 -47.29 7.02 34.71
CA SER A 345 -47.74 6.98 36.09
C SER A 345 -49.07 7.71 36.20
N THR A 346 -50.12 6.99 36.59
CA THR A 346 -51.44 7.58 36.79
C THR A 346 -52.32 6.68 37.66
N GLU A 353 -48.86 -1.44 43.14
CA GLU A 353 -49.03 -2.32 42.00
C GLU A 353 -47.70 -2.96 41.59
N TYR A 354 -46.63 -2.18 41.68
CA TYR A 354 -45.30 -2.63 41.29
C TYR A 354 -44.47 -2.91 42.53
N THR A 355 -43.94 -4.13 42.60
CA THR A 355 -43.01 -4.46 43.67
C THR A 355 -41.67 -3.74 43.45
N PRO A 356 -40.92 -3.50 44.53
CA PRO A 356 -39.63 -2.79 44.36
C PRO A 356 -38.66 -3.50 43.43
N GLY A 357 -38.70 -4.83 43.37
CA GLY A 357 -37.83 -5.54 42.44
C GLY A 357 -38.14 -5.22 41.00
N THR A 358 -39.42 -5.05 40.67
CA THR A 358 -39.79 -4.65 39.32
C THR A 358 -39.22 -3.28 38.97
N LEU A 359 -39.30 -2.33 39.91
CA LEU A 359 -38.71 -1.02 39.68
C LEU A 359 -37.21 -1.12 39.49
N VAL A 360 -36.55 -1.94 40.32
CA VAL A 360 -35.11 -2.14 40.19
C VAL A 360 -34.78 -2.61 38.78
N GLN A 361 -35.45 -3.68 38.33
CA GLN A 361 -35.11 -4.25 37.04
C GLN A 361 -35.47 -3.31 35.90
N ILE A 362 -36.49 -2.48 36.08
CA ILE A 362 -36.84 -1.50 35.06
C ILE A 362 -35.72 -0.48 34.88
N PHE A 363 -35.27 0.06 36.01
CA PHE A 363 -34.19 1.09 36.01
C PHE A 363 -32.93 0.51 35.37
N LEU A 364 -32.53 -0.68 35.80
CA LEU A 364 -31.32 -1.27 35.23
C LEU A 364 -31.49 -1.68 33.77
N SER A 365 -32.71 -2.04 33.35
CA SER A 365 -32.92 -2.30 31.93
C SER A 365 -32.76 -1.03 31.11
N VAL A 366 -33.17 0.11 31.69
CA VAL A 366 -32.92 1.40 31.05
C VAL A 366 -31.42 1.55 30.77
N ILE A 367 -30.60 1.28 31.79
CA ILE A 367 -29.16 1.42 31.61
C ILE A 367 -28.61 0.42 30.61
N VAL A 368 -29.03 -0.85 30.67
CA VAL A 368 -28.45 -1.82 29.74
C VAL A 368 -28.78 -1.43 28.30
N GLY A 369 -30.02 -1.00 28.05
CA GLY A 369 -30.37 -0.58 26.70
C GLY A 369 -29.56 0.60 26.24
N ALA A 370 -29.47 1.64 27.07
CA ALA A 370 -28.73 2.84 26.68
C ALA A 370 -27.26 2.51 26.43
N LEU A 371 -26.65 1.72 27.32
CA LEU A 371 -25.23 1.45 27.22
C LEU A 371 -24.90 0.63 25.98
N ASN A 372 -25.64 -0.45 25.74
CA ASN A 372 -25.33 -1.27 24.56
C ASN A 372 -25.62 -0.53 23.27
N LEU A 373 -26.71 0.25 23.23
CA LEU A 373 -27.00 1.03 22.03
C LEU A 373 -25.89 2.04 21.77
N GLY A 374 -25.41 2.71 22.82
CA GLY A 374 -24.31 3.66 22.64
C GLY A 374 -23.02 2.99 22.22
N ASN A 375 -22.77 1.78 22.71
CA ASN A 375 -21.54 1.07 22.39
C ASN A 375 -21.57 0.41 21.01
N ALA A 376 -22.73 0.30 20.38
CA ALA A 376 -22.79 -0.34 19.07
C ALA A 376 -22.25 0.53 17.92
N SER A 377 -22.00 1.82 18.15
CA SER A 377 -21.66 2.73 17.05
C SER A 377 -20.42 2.36 16.24
N PRO A 378 -19.30 1.92 16.84
CA PRO A 378 -18.15 1.51 16.01
C PRO A 378 -18.50 0.43 15.00
N CYS A 379 -19.43 -0.46 15.34
CA CYS A 379 -19.87 -1.46 14.37
C CYS A 379 -20.49 -0.80 13.15
N LEU A 380 -21.34 0.21 13.36
CA LEU A 380 -21.95 0.91 12.25
C LEU A 380 -20.90 1.60 11.39
N GLU A 381 -19.92 2.24 12.03
CA GLU A 381 -18.78 2.77 11.29
C GLU A 381 -18.18 1.69 10.40
N ALA A 382 -17.94 0.51 10.98
CA ALA A 382 -17.27 -0.55 10.25
C ALA A 382 -18.09 -0.99 9.03
N PHE A 383 -19.41 -1.16 9.21
CA PHE A 383 -20.21 -1.65 8.09
C PHE A 383 -20.27 -0.63 6.96
N ALA A 384 -20.45 0.64 7.29
CA ALA A 384 -20.54 1.64 6.23
C ALA A 384 -19.20 1.81 5.52
N THR A 385 -18.10 1.82 6.28
CA THR A 385 -16.78 1.86 5.66
C THR A 385 -16.56 0.66 4.75
N GLY A 386 -17.03 -0.51 5.17
CA GLY A 386 -16.86 -1.71 4.36
C GLY A 386 -17.61 -1.64 3.05
N ARG A 387 -18.86 -1.16 3.09
CA ARG A 387 -19.63 -1.03 1.85
C ARG A 387 -18.96 -0.04 0.90
N ALA A 388 -18.57 1.12 1.43
CA ALA A 388 -17.92 2.13 0.61
C ALA A 388 -16.62 1.60 0.01
N ALA A 389 -15.85 0.83 0.79
CA ALA A 389 -14.60 0.27 0.28
C ALA A 389 -14.85 -0.81 -0.77
N ALA A 390 -15.90 -1.61 -0.59
CA ALA A 390 -16.14 -2.72 -1.49
C ALA A 390 -16.74 -2.29 -2.82
N THR A 391 -17.31 -1.08 -2.89
CA THR A 391 -17.82 -0.57 -4.17
C THR A 391 -16.82 -0.77 -5.31
N SER A 392 -15.65 -0.14 -5.19
CA SER A 392 -14.68 -0.15 -6.28
C SER A 392 -14.09 -1.55 -6.51
N ILE A 393 -13.87 -2.30 -5.42
CA ILE A 393 -13.31 -3.64 -5.55
C ILE A 393 -14.23 -4.52 -6.37
N PHE A 394 -15.53 -4.49 -6.07
CA PHE A 394 -16.47 -5.29 -6.85
C PHE A 394 -16.57 -4.78 -8.28
N GLU A 395 -16.58 -3.46 -8.48
CA GLU A 395 -16.65 -2.92 -9.83
C GLU A 395 -15.49 -3.40 -10.67
N THR A 396 -14.29 -3.47 -10.10
CA THR A 396 -13.14 -3.98 -10.84
C THR A 396 -13.23 -5.49 -11.03
N ILE A 397 -13.79 -6.21 -10.05
CA ILE A 397 -13.78 -7.66 -10.11
C ILE A 397 -14.77 -8.18 -11.14
N ASP A 398 -15.88 -7.47 -11.40
CA ASP A 398 -16.88 -8.01 -12.31
C ASP A 398 -16.80 -7.45 -13.72
N ARG A 399 -15.75 -6.69 -14.05
CA ARG A 399 -15.64 -6.11 -15.38
C ARG A 399 -15.16 -7.14 -16.40
N LYS A 400 -15.76 -7.11 -17.58
CA LYS A 400 -15.35 -8.01 -18.66
C LYS A 400 -14.32 -7.33 -19.56
N PRO A 401 -13.13 -7.90 -19.72
CA PRO A 401 -12.11 -7.23 -20.54
C PRO A 401 -12.38 -7.38 -22.02
N ILE A 402 -11.95 -6.37 -22.79
CA ILE A 402 -12.15 -6.38 -24.23
C ILE A 402 -11.28 -7.43 -24.90
N ILE A 403 -10.00 -7.49 -24.51
CA ILE A 403 -9.07 -8.50 -25.02
C ILE A 403 -8.64 -9.34 -23.84
N ASP A 404 -8.90 -10.64 -23.91
CA ASP A 404 -8.64 -11.58 -22.82
C ASP A 404 -7.45 -12.44 -23.17
N CYS A 405 -6.38 -12.31 -22.39
CA CYS A 405 -5.16 -13.08 -22.63
C CYS A 405 -5.28 -14.53 -22.20
N MET A 406 -6.23 -14.85 -21.32
CA MET A 406 -6.38 -16.19 -20.78
C MET A 406 -7.64 -16.90 -21.29
N SER A 407 -8.25 -16.39 -22.34
CA SER A 407 -9.48 -16.98 -22.86
C SER A 407 -9.19 -18.15 -23.78
N GLU A 408 -10.05 -19.16 -23.71
CA GLU A 408 -9.89 -20.35 -24.55
C GLU A 408 -10.36 -20.09 -25.98
N ASP A 409 -11.35 -19.22 -26.15
CA ASP A 409 -11.94 -19.02 -27.47
C ASP A 409 -10.90 -18.56 -28.49
N GLY A 410 -10.99 -19.12 -29.69
CA GLY A 410 -10.07 -18.79 -30.75
C GLY A 410 -9.70 -20.03 -31.52
N TYR A 411 -8.72 -19.88 -32.40
CA TYR A 411 -8.23 -20.94 -33.27
C TYR A 411 -6.73 -21.09 -33.07
N LYS A 412 -6.25 -22.33 -33.13
CA LYS A 412 -4.84 -22.67 -33.01
C LYS A 412 -4.45 -23.45 -34.26
N LEU A 413 -3.94 -22.79 -35.28
CA LEU A 413 -3.53 -23.50 -36.48
C LEU A 413 -2.22 -24.24 -36.23
N ASP A 414 -1.88 -25.11 -37.17
CA ASP A 414 -0.63 -25.85 -37.13
C ASP A 414 0.17 -25.54 -38.38
N ARG A 415 1.49 -25.70 -38.28
CA ARG A 415 2.40 -25.44 -39.40
C ARG A 415 2.29 -24.00 -39.88
N ILE A 416 2.68 -23.11 -38.97
CA ILE A 416 2.70 -21.68 -39.30
C ILE A 416 3.86 -21.50 -40.28
N LYS A 417 3.79 -20.63 -41.29
CA LYS A 417 4.91 -20.25 -42.15
C LYS A 417 5.59 -18.97 -41.71
N GLY A 418 4.85 -17.99 -41.20
CA GLY A 418 5.41 -16.73 -40.76
C GLY A 418 5.03 -15.53 -41.60
N GLU A 419 4.34 -15.73 -42.72
CA GLU A 419 3.83 -14.61 -43.49
C GLU A 419 2.84 -13.81 -42.68
N ILE A 420 3.17 -12.55 -42.41
CA ILE A 420 2.24 -11.65 -41.74
C ILE A 420 2.08 -10.41 -42.62
N GLU A 421 0.83 -10.03 -42.88
CA GLU A 421 0.51 -8.91 -43.74
C GLU A 421 -0.34 -7.89 -43.00
N PHE A 422 -0.30 -6.65 -43.47
CA PHE A 422 -1.16 -5.60 -42.98
C PHE A 422 -2.09 -5.16 -44.10
N HIS A 423 -3.29 -4.71 -43.73
CA HIS A 423 -4.34 -4.39 -44.70
C HIS A 423 -5.04 -3.11 -44.28
N ASN A 424 -4.57 -1.98 -44.79
CA ASN A 424 -5.23 -0.68 -44.60
C ASN A 424 -5.48 -0.38 -43.13
N VAL A 425 -4.47 -0.63 -42.31
CA VAL A 425 -4.60 -0.54 -40.87
C VAL A 425 -4.59 0.92 -40.44
N THR A 426 -5.49 1.27 -39.51
CA THR A 426 -5.56 2.59 -38.93
C THR A 426 -5.72 2.43 -37.42
N PHE A 427 -4.93 3.18 -36.65
CA PHE A 427 -4.92 3.00 -35.20
C PHE A 427 -4.73 4.33 -34.48
N HIS A 428 -5.45 4.48 -33.37
CA HIS A 428 -5.24 5.58 -32.43
C HIS A 428 -5.17 4.98 -31.03
N TYR A 429 -4.26 5.49 -30.21
CA TYR A 429 -4.15 5.00 -28.84
C TYR A 429 -5.37 5.40 -28.02
N PRO A 430 -5.79 4.56 -27.08
CA PRO A 430 -6.89 4.95 -26.19
C PRO A 430 -6.56 6.14 -25.32
N SER A 431 -5.28 6.38 -25.04
CA SER A 431 -4.89 7.52 -24.22
C SER A 431 -4.95 8.83 -24.99
N ARG A 432 -4.67 8.81 -26.30
CA ARG A 432 -4.70 10.00 -27.14
C ARG A 432 -5.55 9.68 -28.37
N PRO A 433 -6.87 9.69 -28.22
CA PRO A 433 -7.74 9.29 -29.33
C PRO A 433 -7.79 10.27 -30.49
N GLU A 434 -7.31 11.50 -30.30
CA GLU A 434 -7.40 12.52 -31.35
C GLU A 434 -6.21 12.52 -32.30
N VAL A 435 -5.30 11.57 -32.17
CA VAL A 435 -4.11 11.49 -33.01
C VAL A 435 -4.17 10.21 -33.82
N LYS A 436 -4.06 10.34 -35.14
CA LYS A 436 -4.03 9.19 -36.04
C LYS A 436 -2.57 8.78 -36.21
N ILE A 437 -2.18 7.70 -35.55
CA ILE A 437 -0.79 7.28 -35.52
C ILE A 437 -0.47 6.32 -36.65
N LEU A 438 -1.35 5.37 -36.93
CA LEU A 438 -1.26 4.52 -38.11
C LEU A 438 -2.37 4.93 -39.07
N ASN A 439 -2.02 5.10 -40.34
CA ASN A 439 -2.94 5.64 -41.34
C ASN A 439 -2.82 4.84 -42.63
N ASP A 440 -3.77 3.92 -42.86
CA ASP A 440 -3.85 3.14 -44.09
C ASP A 440 -2.51 2.47 -44.40
N LEU A 441 -2.11 1.58 -43.50
CA LEU A 441 -0.83 0.89 -43.60
C LEU A 441 -0.96 -0.36 -44.45
N ASN A 442 0.09 -0.68 -45.20
CA ASN A 442 0.14 -1.88 -46.02
C ASN A 442 1.58 -2.37 -46.09
N MET A 443 1.88 -3.45 -45.37
CA MET A 443 3.17 -4.10 -45.48
C MET A 443 2.98 -5.61 -45.52
N VAL A 444 3.91 -6.29 -46.17
CA VAL A 444 3.93 -7.75 -46.25
C VAL A 444 5.29 -8.23 -45.78
N ILE A 445 5.29 -9.23 -44.89
CA ILE A 445 6.52 -9.77 -44.32
C ILE A 445 6.65 -11.21 -44.80
N LYS A 446 7.75 -11.49 -45.49
CA LYS A 446 7.92 -12.81 -46.09
C LYS A 446 8.40 -13.82 -45.05
N PRO A 447 8.11 -15.11 -45.26
CA PRO A 447 8.63 -16.13 -44.34
C PRO A 447 10.09 -16.44 -44.58
N GLY A 448 10.78 -16.79 -43.52
CA GLY A 448 12.19 -17.14 -43.62
C GLY A 448 13.06 -16.02 -44.14
N GLU A 449 12.87 -14.81 -43.64
CA GLU A 449 13.63 -13.66 -44.11
C GLU A 449 13.72 -12.63 -43.01
N MET A 450 14.63 -11.69 -43.18
CA MET A 450 14.83 -10.58 -42.25
C MET A 450 14.36 -9.30 -42.93
N THR A 451 13.39 -8.62 -42.32
CA THR A 451 12.88 -7.35 -42.81
C THR A 451 13.13 -6.27 -41.77
N ALA A 452 13.72 -5.16 -42.20
CA ALA A 452 14.09 -4.07 -41.31
C ALA A 452 13.13 -2.91 -41.47
N LEU A 453 12.67 -2.35 -40.35
CA LEU A 453 11.83 -1.16 -40.36
C LEU A 453 12.69 0.05 -40.00
N VAL A 454 12.65 1.07 -40.84
CA VAL A 454 13.45 2.26 -40.66
C VAL A 454 12.53 3.48 -40.71
N GLY A 455 12.92 4.53 -40.00
CA GLY A 455 12.15 5.75 -39.97
C GLY A 455 12.54 6.64 -38.81
N PRO A 456 12.02 7.85 -38.79
CA PRO A 456 12.34 8.78 -37.71
C PRO A 456 11.66 8.38 -36.42
N SER A 457 12.02 9.08 -35.34
CA SER A 457 11.37 8.86 -34.06
C SER A 457 9.92 9.28 -34.13
N GLY A 458 9.05 8.48 -33.52
CA GLY A 458 7.62 8.73 -33.55
C GLY A 458 6.91 8.25 -34.79
N ALA A 459 7.61 7.59 -35.71
CA ALA A 459 7.02 7.12 -36.96
C ALA A 459 6.15 5.89 -36.79
N GLY A 460 5.83 5.51 -35.56
CA GLY A 460 4.97 4.36 -35.32
C GLY A 460 5.56 3.02 -35.68
N LYS A 461 6.80 2.75 -35.27
CA LYS A 461 7.37 1.42 -35.46
C LYS A 461 7.02 0.51 -34.28
N SER A 462 7.21 0.98 -33.05
CA SER A 462 6.81 0.23 -31.88
C SER A 462 5.31 0.01 -31.82
N THR A 463 4.51 0.91 -32.42
CA THR A 463 3.08 0.69 -32.46
C THR A 463 2.72 -0.51 -33.31
N ALA A 464 3.33 -0.62 -34.49
CA ALA A 464 3.12 -1.82 -35.31
C ALA A 464 3.63 -3.06 -34.59
N LEU A 465 4.76 -2.92 -33.90
CA LEU A 465 5.32 -4.04 -33.14
C LEU A 465 4.34 -4.53 -32.09
N GLN A 466 3.69 -3.62 -31.39
CA GLN A 466 2.70 -4.00 -30.38
C GLN A 466 1.41 -4.52 -31.01
N LEU A 467 1.04 -3.98 -32.18
CA LEU A 467 -0.17 -4.45 -32.84
C LEU A 467 -0.02 -5.88 -33.35
N ILE A 468 1.20 -6.29 -33.68
CA ILE A 468 1.43 -7.67 -34.07
C ILE A 468 1.09 -8.62 -32.92
N GLN A 469 1.49 -8.26 -31.71
CA GLN A 469 1.25 -9.09 -30.52
C GLN A 469 -0.20 -9.06 -30.06
N ARG A 470 -1.09 -8.36 -30.76
CA ARG A 470 -2.45 -8.11 -30.28
C ARG A 470 -2.43 -7.49 -28.88
N PHE A 471 -1.53 -6.54 -28.67
CA PHE A 471 -1.65 -5.69 -27.50
C PHE A 471 -2.85 -4.75 -27.65
N TYR A 472 -3.12 -4.32 -28.88
CA TYR A 472 -4.28 -3.52 -29.22
C TYR A 472 -4.93 -4.12 -30.47
N ASP A 473 -6.07 -3.55 -30.85
CA ASP A 473 -6.77 -3.95 -32.06
C ASP A 473 -6.90 -2.76 -33.01
N PRO A 474 -6.73 -2.97 -34.31
CA PRO A 474 -6.87 -1.87 -35.27
C PRO A 474 -8.27 -1.29 -35.25
N CYS A 475 -8.35 0.03 -35.39
CA CYS A 475 -9.65 0.67 -35.50
C CYS A 475 -10.31 0.32 -36.82
N GLU A 476 -9.58 0.48 -37.94
CA GLU A 476 -9.98 -0.06 -39.22
C GLU A 476 -8.83 -0.86 -39.81
N GLY A 477 -9.16 -1.86 -40.61
CA GLY A 477 -8.16 -2.71 -41.21
C GLY A 477 -7.96 -4.01 -40.43
N MET A 478 -7.16 -4.89 -41.01
CA MET A 478 -6.93 -6.21 -40.43
C MET A 478 -5.52 -6.68 -40.74
N VAL A 479 -4.84 -7.20 -39.71
CA VAL A 479 -3.51 -7.79 -39.85
C VAL A 479 -3.64 -9.30 -39.71
N THR A 480 -3.09 -10.02 -40.67
CA THR A 480 -3.26 -11.47 -40.75
C THR A 480 -1.92 -12.18 -40.55
N VAL A 481 -1.97 -13.36 -39.96
CA VAL A 481 -0.83 -14.25 -39.83
C VAL A 481 -1.10 -15.46 -40.72
N ASP A 482 -0.33 -15.57 -41.81
CA ASP A 482 -0.48 -16.66 -42.77
C ASP A 482 -1.91 -16.76 -43.29
N GLY A 483 -2.53 -15.61 -43.54
CA GLY A 483 -3.84 -15.57 -44.13
C GLY A 483 -5.00 -15.66 -43.17
N HIS A 484 -4.77 -15.55 -41.86
CA HIS A 484 -5.81 -15.65 -40.86
C HIS A 484 -5.83 -14.39 -40.01
N ASP A 485 -7.02 -13.82 -39.83
CA ASP A 485 -7.15 -12.64 -38.99
C ASP A 485 -6.65 -12.93 -37.58
N ILE A 486 -5.90 -11.97 -37.03
CA ILE A 486 -5.34 -12.15 -35.69
C ILE A 486 -6.45 -12.26 -34.66
N ARG A 487 -7.54 -11.53 -34.86
CA ARG A 487 -8.66 -11.55 -33.92
C ARG A 487 -9.35 -12.91 -33.85
N SER A 488 -9.22 -13.74 -34.87
CA SER A 488 -9.91 -15.02 -34.94
C SER A 488 -9.08 -16.18 -34.39
N LEU A 489 -7.90 -15.90 -33.83
CA LEU A 489 -7.00 -16.94 -33.36
C LEU A 489 -6.88 -16.90 -31.84
N ASN A 490 -6.42 -18.01 -31.27
CA ASN A 490 -6.23 -18.11 -29.83
C ASN A 490 -5.06 -17.22 -29.42
N ILE A 491 -5.31 -16.34 -28.46
CA ILE A 491 -4.31 -15.33 -28.10
C ILE A 491 -3.11 -15.99 -27.42
N GLN A 492 -3.35 -17.02 -26.60
CA GLN A 492 -2.25 -17.69 -25.93
C GLN A 492 -1.35 -18.41 -26.92
N TRP A 493 -1.96 -19.16 -27.84
CA TRP A 493 -1.18 -19.85 -28.86
C TRP A 493 -0.45 -18.87 -29.76
N LEU A 494 -1.10 -17.75 -30.08
CA LEU A 494 -0.46 -16.74 -30.92
C LEU A 494 0.75 -16.13 -30.22
N ARG A 495 0.58 -15.72 -28.97
CA ARG A 495 1.65 -15.07 -28.23
C ARG A 495 2.77 -16.02 -27.85
N ASP A 496 2.50 -17.32 -27.89
CA ASP A 496 3.54 -18.34 -27.53
C ASP A 496 4.42 -18.65 -28.75
N GLN A 497 4.26 -17.92 -29.85
CA GLN A 497 5.08 -18.12 -31.03
C GLN A 497 5.83 -16.87 -31.45
N ILE A 498 5.88 -15.86 -30.58
CA ILE A 498 6.48 -14.58 -30.89
C ILE A 498 7.57 -14.30 -29.86
N GLY A 499 8.79 -14.03 -30.34
CA GLY A 499 9.89 -13.66 -29.49
C GLY A 499 10.14 -12.17 -29.56
N ILE A 500 10.03 -11.50 -28.43
CA ILE A 500 10.00 -10.04 -28.37
C ILE A 500 11.15 -9.54 -27.51
N VAL A 501 11.82 -8.49 -27.99
CA VAL A 501 12.76 -7.70 -27.20
C VAL A 501 12.29 -6.25 -27.24
N GLU A 502 11.93 -5.70 -26.08
CA GLU A 502 11.38 -4.35 -26.03
C GLU A 502 12.49 -3.32 -26.12
N GLN A 503 12.10 -2.06 -26.29
CA GLN A 503 13.09 -1.01 -26.46
C GLN A 503 14.00 -0.93 -25.25
N GLU A 504 13.43 -1.12 -24.06
CA GLU A 504 14.19 -1.19 -22.81
C GLU A 504 13.81 -2.52 -22.22
N PRO A 505 14.74 -3.51 -22.34
CA PRO A 505 14.56 -4.79 -21.67
C PRO A 505 14.37 -4.56 -20.17
N VAL A 506 13.46 -5.32 -19.60
CA VAL A 506 13.12 -5.25 -18.18
C VAL A 506 13.20 -6.65 -17.60
N LEU A 507 13.96 -6.81 -16.52
CA LEU A 507 14.12 -8.08 -15.83
C LEU A 507 13.40 -8.02 -14.49
N PHE A 508 13.06 -9.20 -13.99
CA PHE A 508 12.42 -9.32 -12.68
C PHE A 508 13.46 -9.69 -11.64
N SER A 509 13.19 -9.30 -10.39
CA SER A 509 14.17 -9.47 -9.32
C SER A 509 14.30 -10.94 -8.95
N THR A 510 15.24 -11.64 -9.56
CA THR A 510 15.54 -13.04 -9.30
C THR A 510 16.90 -13.33 -9.92
N THR A 511 17.29 -14.60 -9.94
CA THR A 511 18.59 -14.95 -10.49
C THR A 511 18.59 -14.78 -12.01
N ILE A 512 19.78 -14.92 -12.59
CA ILE A 512 19.92 -14.77 -14.04
C ILE A 512 19.35 -15.97 -14.77
N ALA A 513 19.62 -17.18 -14.26
CA ALA A 513 19.10 -18.38 -14.89
C ALA A 513 17.57 -18.42 -14.83
N GLU A 514 17.00 -17.99 -13.70
CA GLU A 514 15.55 -17.90 -13.59
C GLU A 514 14.98 -16.88 -14.56
N ASN A 515 15.65 -15.73 -14.70
CA ASN A 515 15.15 -14.70 -15.60
C ASN A 515 15.19 -15.17 -17.04
N ILE A 516 16.25 -15.87 -17.44
CA ILE A 516 16.31 -16.42 -18.78
C ILE A 516 15.28 -17.52 -18.97
N ARG A 517 15.06 -18.33 -17.94
CA ARG A 517 14.13 -19.45 -18.04
C ARG A 517 12.67 -19.02 -18.07
N TYR A 518 12.37 -17.74 -17.85
CA TYR A 518 10.99 -17.28 -18.00
C TYR A 518 10.50 -17.42 -19.44
N GLY A 519 11.41 -17.54 -20.40
CA GLY A 519 10.99 -17.81 -21.77
C GLY A 519 10.33 -19.17 -21.94
N ARG A 520 10.93 -20.20 -21.32
CA ARG A 520 10.43 -21.57 -21.42
C ARG A 520 10.58 -22.23 -20.06
N GLU A 521 9.47 -22.69 -19.49
CA GLU A 521 9.53 -23.26 -18.15
C GLU A 521 10.22 -24.62 -18.13
N ASP A 522 10.06 -25.41 -19.19
CA ASP A 522 10.73 -26.70 -19.27
C ASP A 522 12.15 -26.59 -19.80
N ALA A 523 12.76 -25.40 -19.77
CA ALA A 523 14.12 -25.24 -20.26
C ALA A 523 15.11 -25.79 -19.24
N THR A 524 15.97 -26.69 -19.70
CA THR A 524 17.01 -27.26 -18.85
C THR A 524 18.19 -26.31 -18.74
N MET A 525 19.10 -26.63 -17.82
CA MET A 525 20.29 -25.80 -17.64
C MET A 525 21.17 -25.82 -18.88
N GLU A 526 21.17 -26.93 -19.63
CA GLU A 526 21.85 -26.94 -20.91
C GLU A 526 21.22 -25.94 -21.87
N ASP A 527 19.88 -25.90 -21.91
CA ASP A 527 19.20 -24.93 -22.76
C ASP A 527 19.51 -23.50 -22.33
N ILE A 528 19.54 -23.24 -21.02
CA ILE A 528 19.82 -21.90 -20.53
C ILE A 528 21.24 -21.48 -20.90
N VAL A 529 22.21 -22.38 -20.70
CA VAL A 529 23.59 -22.03 -21.00
C VAL A 529 23.81 -21.87 -22.50
N GLN A 530 23.10 -22.65 -23.33
CA GLN A 530 23.23 -22.47 -24.77
C GLN A 530 22.59 -21.16 -25.22
N ALA A 531 21.47 -20.79 -24.62
CA ALA A 531 20.86 -19.49 -24.93
C ALA A 531 21.77 -18.34 -24.53
N ALA A 532 22.44 -18.47 -23.38
CA ALA A 532 23.39 -17.44 -22.97
C ALA A 532 24.59 -17.39 -23.89
N LYS A 533 25.08 -18.55 -24.34
CA LYS A 533 26.20 -18.59 -25.28
C LYS A 533 25.84 -17.92 -26.59
N GLU A 534 24.65 -18.21 -27.12
CA GLU A 534 24.24 -17.60 -28.38
C GLU A 534 24.00 -16.10 -28.24
N ALA A 535 23.63 -15.65 -27.04
CA ALA A 535 23.33 -14.24 -26.80
C ALA A 535 24.58 -13.42 -26.46
N ASN A 536 25.77 -14.01 -26.59
CA ASN A 536 27.03 -13.35 -26.28
C ASN A 536 27.03 -12.79 -24.86
N ALA A 537 26.38 -13.50 -23.94
CA ALA A 537 26.32 -13.11 -22.55
C ALA A 537 27.05 -14.06 -21.62
N TYR A 538 27.52 -15.21 -22.13
CA TYR A 538 28.06 -16.26 -21.27
C TYR A 538 29.30 -15.80 -20.51
N ASN A 539 30.19 -15.07 -21.17
CA ASN A 539 31.47 -14.73 -20.54
C ASN A 539 31.28 -13.80 -19.36
N PHE A 540 30.43 -12.79 -19.48
CA PHE A 540 30.30 -11.82 -18.39
C PHE A 540 29.56 -12.40 -17.20
N ILE A 541 28.84 -13.52 -17.37
CA ILE A 541 28.24 -14.18 -16.21
C ILE A 541 29.12 -15.30 -15.67
N MET A 542 30.04 -15.82 -16.47
CA MET A 542 31.09 -16.68 -15.93
C MET A 542 32.18 -15.88 -15.24
N ASP A 543 32.23 -14.57 -15.44
CA ASP A 543 33.16 -13.71 -14.72
C ASP A 543 32.59 -13.17 -13.41
N LEU A 544 31.34 -13.46 -13.12
CA LEU A 544 30.72 -13.03 -11.88
C LEU A 544 31.02 -14.02 -10.76
N PRO A 545 30.96 -13.58 -9.49
CA PRO A 545 31.19 -14.50 -8.38
C PRO A 545 30.14 -15.61 -8.34
N GLN A 546 28.86 -15.23 -8.31
CA GLN A 546 27.77 -16.19 -8.33
C GLN A 546 27.32 -16.36 -9.79
N GLN A 547 28.06 -17.20 -10.51
CA GLN A 547 27.76 -17.40 -11.92
C GLN A 547 26.38 -18.00 -12.09
N PHE A 548 25.52 -17.31 -12.85
CA PHE A 548 24.16 -17.71 -13.20
C PHE A 548 23.20 -17.71 -12.02
N ASP A 549 23.67 -17.42 -10.80
CA ASP A 549 22.81 -17.35 -9.64
C ASP A 549 22.80 -15.98 -8.99
N THR A 550 23.47 -14.99 -9.58
CA THR A 550 23.48 -13.66 -9.02
C THR A 550 22.16 -12.96 -9.26
N LEU A 551 21.67 -12.27 -8.24
CA LEU A 551 20.39 -11.56 -8.36
C LEU A 551 20.57 -10.33 -9.23
N VAL A 552 19.75 -10.23 -10.29
CA VAL A 552 19.85 -9.11 -11.20
C VAL A 552 19.34 -7.82 -10.60
N GLY A 553 18.68 -7.88 -9.46
CA GLY A 553 18.05 -6.71 -8.87
C GLY A 553 16.69 -6.47 -9.48
N GLU A 554 15.94 -5.57 -8.84
CA GLU A 554 14.60 -5.30 -9.32
C GLU A 554 14.65 -4.41 -10.56
N GLY A 555 13.91 -4.79 -11.58
CA GLY A 555 13.98 -4.10 -12.85
C GLY A 555 15.31 -4.30 -13.53
N GLY A 556 16.13 -5.21 -12.99
CA GLY A 556 17.49 -5.36 -13.46
C GLY A 556 18.38 -4.18 -13.16
N GLY A 557 18.02 -3.38 -12.15
CA GLY A 557 18.79 -2.18 -11.87
C GLY A 557 20.22 -2.46 -11.46
N GLN A 558 20.44 -3.56 -10.75
CA GLN A 558 21.79 -3.93 -10.35
C GLN A 558 22.48 -4.65 -11.49
N MET A 559 22.50 -4.00 -12.66
CA MET A 559 23.10 -4.56 -13.86
C MET A 559 23.41 -3.40 -14.80
N SER A 560 24.31 -3.65 -15.74
CA SER A 560 24.61 -2.66 -16.76
C SER A 560 23.65 -2.80 -17.92
N GLY A 561 23.53 -1.73 -18.71
CA GLY A 561 22.55 -1.71 -19.78
C GLY A 561 22.78 -2.78 -20.82
N GLY A 562 24.02 -2.95 -21.26
CA GLY A 562 24.32 -3.97 -22.25
C GLY A 562 24.12 -5.37 -21.72
N GLN A 563 24.50 -5.61 -20.46
CA GLN A 563 24.27 -6.91 -19.85
C GLN A 563 22.77 -7.21 -19.76
N LYS A 564 21.98 -6.24 -19.33
CA LYS A 564 20.53 -6.41 -19.29
C LYS A 564 19.98 -6.71 -20.67
N GLN A 565 20.45 -5.99 -21.69
CA GLN A 565 20.00 -6.22 -23.05
C GLN A 565 20.33 -7.64 -23.51
N ARG A 566 21.53 -8.12 -23.18
CA ARG A 566 21.92 -9.45 -23.63
C ARG A 566 21.15 -10.54 -22.89
N VAL A 567 20.87 -10.34 -21.61
CA VAL A 567 20.00 -11.27 -20.89
C VAL A 567 18.62 -11.32 -21.52
N ALA A 568 18.10 -10.16 -21.93
CA ALA A 568 16.79 -10.15 -22.60
C ALA A 568 16.83 -10.86 -23.94
N ILE A 569 17.93 -10.69 -24.69
CA ILE A 569 18.07 -11.40 -25.95
C ILE A 569 18.07 -12.91 -25.72
N ALA A 570 18.78 -13.36 -24.69
CA ALA A 570 18.78 -14.79 -24.37
C ALA A 570 17.38 -15.26 -23.98
N ARG A 571 16.68 -14.47 -23.17
CA ARG A 571 15.32 -14.83 -22.76
C ARG A 571 14.38 -14.91 -23.95
N ALA A 572 14.59 -14.05 -24.95
CA ALA A 572 13.75 -14.09 -26.14
C ALA A 572 14.10 -15.28 -27.03
N LEU A 573 15.39 -15.60 -27.15
CA LEU A 573 15.81 -16.64 -28.07
C LEU A 573 15.68 -18.05 -27.51
N ILE A 574 15.48 -18.19 -26.19
CA ILE A 574 15.39 -19.54 -25.62
C ILE A 574 14.13 -20.25 -26.11
N ARG A 575 13.04 -19.51 -26.35
CA ARG A 575 11.79 -20.13 -26.75
C ARG A 575 11.84 -20.77 -28.13
N ASN A 576 12.88 -20.49 -28.91
CA ASN A 576 12.96 -20.91 -30.31
C ASN A 576 11.70 -20.49 -31.08
N PRO A 577 11.39 -19.19 -31.12
CA PRO A 577 10.13 -18.75 -31.71
C PRO A 577 10.17 -18.82 -33.23
N LYS A 578 8.99 -18.71 -33.82
CA LYS A 578 8.88 -18.64 -35.27
C LYS A 578 8.86 -17.20 -35.77
N ILE A 579 8.32 -16.27 -34.99
CA ILE A 579 8.32 -14.85 -35.33
C ILE A 579 9.21 -14.15 -34.31
N LEU A 580 10.41 -13.75 -34.75
CA LEU A 580 11.40 -13.16 -33.88
C LEU A 580 11.39 -11.65 -34.09
N LEU A 581 11.29 -10.91 -32.99
CA LEU A 581 10.98 -9.48 -33.00
C LEU A 581 12.05 -8.72 -32.23
N LEU A 582 12.64 -7.71 -32.88
CA LEU A 582 13.80 -7.01 -32.34
C LEU A 582 13.57 -5.50 -32.40
N ASP A 583 13.40 -4.88 -31.23
CA ASP A 583 13.21 -3.44 -31.12
C ASP A 583 14.52 -2.84 -30.60
N MET A 584 15.39 -2.46 -31.52
CA MET A 584 16.71 -1.91 -31.21
C MET A 584 17.49 -2.87 -30.32
N ALA A 585 17.79 -4.05 -30.87
CA ALA A 585 18.35 -5.14 -30.10
C ALA A 585 19.80 -4.91 -29.68
N THR A 586 20.46 -3.90 -30.21
CA THR A 586 21.87 -3.64 -29.88
C THR A 586 22.09 -2.19 -29.50
N SER A 587 21.10 -1.57 -28.87
CA SER A 587 21.21 -0.15 -28.53
C SER A 587 22.34 0.10 -27.53
N ALA A 588 22.46 -0.75 -26.51
CA ALA A 588 23.43 -0.54 -25.44
C ALA A 588 24.63 -1.47 -25.54
N LEU A 589 24.97 -1.91 -26.74
CA LEU A 589 26.05 -2.84 -26.97
C LEU A 589 27.21 -2.14 -27.68
N ASP A 590 28.43 -2.54 -27.34
CA ASP A 590 29.59 -2.05 -28.07
C ASP A 590 29.72 -2.78 -29.40
N ASN A 591 30.62 -2.29 -30.25
CA ASN A 591 30.69 -2.78 -31.62
C ASN A 591 31.08 -4.25 -31.69
N GLU A 592 31.94 -4.71 -30.77
CA GLU A 592 32.37 -6.10 -30.78
C GLU A 592 31.22 -7.04 -30.47
N SER A 593 30.50 -6.78 -29.37
CA SER A 593 29.35 -7.61 -29.03
C SER A 593 28.25 -7.48 -30.06
N GLU A 594 28.09 -6.29 -30.65
CA GLU A 594 27.15 -6.13 -31.76
C GLU A 594 27.51 -7.05 -32.91
N ALA A 595 28.80 -7.14 -33.25
CA ALA A 595 29.23 -8.02 -34.33
C ALA A 595 28.95 -9.48 -34.00
N MET A 596 29.23 -9.90 -32.76
CA MET A 596 28.95 -11.28 -32.37
C MET A 596 27.46 -11.59 -32.47
N VAL A 597 26.61 -10.68 -31.96
CA VAL A 597 25.17 -10.90 -31.98
C VAL A 597 24.66 -10.93 -33.42
N GLN A 598 25.19 -10.05 -34.28
CA GLN A 598 24.81 -10.06 -35.67
C GLN A 598 25.21 -11.37 -36.34
N GLU A 599 26.36 -11.93 -35.98
CA GLU A 599 26.74 -13.22 -36.53
C GLU A 599 25.78 -14.31 -36.11
N VAL A 600 25.37 -14.31 -34.83
CA VAL A 600 24.39 -15.30 -34.37
C VAL A 600 23.08 -15.15 -35.12
N LEU A 601 22.61 -13.91 -35.30
CA LEU A 601 21.36 -13.68 -36.02
C LEU A 601 21.47 -14.09 -37.47
N SER A 602 22.64 -13.89 -38.08
CA SER A 602 22.83 -14.33 -39.46
C SER A 602 22.78 -15.85 -39.56
N LYS A 603 23.35 -16.56 -38.58
CA LYS A 603 23.23 -18.01 -38.57
C LYS A 603 21.77 -18.44 -38.41
N ILE A 604 21.03 -17.76 -37.54
CA ILE A 604 19.66 -18.18 -37.24
C ILE A 604 18.66 -17.78 -38.34
N GLN A 605 19.00 -16.79 -39.16
CA GLN A 605 18.04 -16.15 -40.06
C GLN A 605 17.40 -17.11 -41.04
N HIS A 606 18.01 -18.26 -41.31
CA HIS A 606 17.51 -19.15 -42.35
C HIS A 606 16.07 -19.57 -42.10
N GLY A 607 15.77 -20.03 -40.90
CA GLY A 607 14.46 -20.58 -40.63
C GLY A 607 13.39 -19.59 -40.20
N HIS A 608 13.65 -18.86 -39.11
CA HIS A 608 12.65 -17.98 -38.57
C HIS A 608 12.53 -16.70 -39.39
N THR A 609 11.37 -16.05 -39.27
CA THR A 609 11.11 -14.76 -39.91
C THR A 609 11.39 -13.68 -38.88
N ILE A 610 12.42 -12.88 -39.12
CA ILE A 610 12.89 -11.89 -38.16
C ILE A 610 12.44 -10.51 -38.59
N ILE A 611 11.86 -9.76 -37.66
CA ILE A 611 11.40 -8.40 -37.89
C ILE A 611 12.11 -7.50 -36.89
N SER A 612 12.95 -6.60 -37.39
CA SER A 612 13.81 -5.77 -36.55
C SER A 612 13.76 -4.33 -37.01
N VAL A 613 13.66 -3.40 -36.06
CA VAL A 613 13.72 -1.98 -36.36
C VAL A 613 15.16 -1.51 -36.20
N ALA A 614 15.63 -0.74 -37.18
CA ALA A 614 17.02 -0.32 -37.20
C ALA A 614 17.12 1.17 -37.51
N HIS A 615 18.17 1.79 -37.00
CA HIS A 615 18.51 3.16 -37.33
C HIS A 615 19.85 3.30 -38.03
N ARG A 616 20.64 2.23 -38.09
CA ARG A 616 21.96 2.24 -38.71
C ARG A 616 21.99 1.22 -39.84
N LEU A 617 22.68 1.58 -40.92
CA LEU A 617 22.76 0.69 -42.07
C LEU A 617 23.66 -0.51 -41.83
N SER A 618 24.51 -0.46 -40.80
CA SER A 618 25.44 -1.56 -40.54
C SER A 618 24.70 -2.85 -40.22
N THR A 619 23.66 -2.76 -39.39
CA THR A 619 22.82 -3.94 -39.16
C THR A 619 21.90 -4.20 -40.34
N VAL A 620 21.53 -3.15 -41.08
CA VAL A 620 20.70 -3.29 -42.27
C VAL A 620 21.40 -4.08 -43.37
N ARG A 621 22.73 -4.17 -43.33
CA ARG A 621 23.48 -4.82 -44.40
C ARG A 621 22.94 -6.22 -44.71
N ALA A 622 22.59 -6.98 -43.69
CA ALA A 622 22.16 -8.36 -43.88
C ALA A 622 20.65 -8.51 -44.04
N ALA A 623 19.88 -7.43 -43.90
CA ALA A 623 18.44 -7.53 -44.09
C ALA A 623 18.10 -7.69 -45.57
N ASP A 624 17.09 -8.51 -45.84
CA ASP A 624 16.71 -8.80 -47.22
C ASP A 624 15.78 -7.75 -47.80
N THR A 625 14.88 -7.20 -47.01
CA THR A 625 13.98 -6.14 -47.45
C THR A 625 13.90 -5.06 -46.38
N ILE A 626 13.73 -3.82 -46.83
CA ILE A 626 13.69 -2.67 -45.94
C ILE A 626 12.38 -1.92 -46.17
N ILE A 627 11.68 -1.61 -45.08
CA ILE A 627 10.42 -0.87 -45.12
C ILE A 627 10.60 0.41 -44.33
N GLY A 628 10.26 1.53 -44.95
CA GLY A 628 10.43 2.84 -44.33
C GLY A 628 9.11 3.40 -43.82
N PHE A 629 9.14 3.94 -42.62
CA PHE A 629 7.96 4.49 -41.97
C PHE A 629 8.03 6.02 -41.99
N GLU A 630 6.98 6.65 -42.51
CA GLU A 630 6.87 8.10 -42.55
C GLU A 630 5.53 8.50 -41.96
N HIS A 631 5.53 8.86 -40.68
CA HIS A 631 4.36 9.35 -39.94
C HIS A 631 3.14 8.47 -40.17
N GLY A 632 3.33 7.16 -40.00
CA GLY A 632 2.23 6.22 -40.09
C GLY A 632 2.02 5.55 -41.43
N THR A 633 2.99 5.63 -42.34
CA THR A 633 2.87 5.03 -43.66
C THR A 633 4.12 4.21 -43.96
N ALA A 634 3.94 3.08 -44.61
CA ALA A 634 5.04 2.17 -44.92
C ALA A 634 5.32 2.19 -46.41
N VAL A 635 6.57 2.43 -46.78
CA VAL A 635 7.02 2.40 -48.16
C VAL A 635 8.21 1.45 -48.25
N GLU A 636 8.14 0.50 -49.17
CA GLU A 636 9.24 -0.45 -49.34
C GLU A 636 10.49 0.25 -49.86
N ARG A 637 11.65 -0.27 -49.46
CA ARG A 637 12.95 0.26 -49.85
C ARG A 637 13.10 1.73 -49.49
N ALA A 739 11.60 1.20 23.05
CA ALA A 739 10.44 1.66 23.80
C ALA A 739 9.46 2.38 22.90
N PRO A 740 8.78 1.63 22.02
CA PRO A 740 7.85 2.26 21.07
C PRO A 740 6.72 3.02 21.74
N VAL A 741 6.22 2.53 22.87
CA VAL A 741 5.10 3.21 23.54
C VAL A 741 5.53 4.58 24.05
N ARG A 742 6.70 4.65 24.67
CA ARG A 742 7.23 5.93 25.11
C ARG A 742 7.50 6.85 23.92
N ARG A 743 8.05 6.29 22.84
CA ARG A 743 8.29 7.08 21.64
C ARG A 743 6.99 7.63 21.08
N ILE A 744 5.94 6.81 21.02
CA ILE A 744 4.65 7.27 20.51
C ILE A 744 4.07 8.34 21.41
N LEU A 745 4.18 8.15 22.73
CA LEU A 745 3.63 9.13 23.67
C LEU A 745 4.32 10.47 23.52
N LYS A 746 5.64 10.46 23.35
CA LYS A 746 6.35 11.72 23.12
C LYS A 746 6.02 12.31 21.75
N PHE A 747 5.88 11.46 20.73
CA PHE A 747 5.63 11.94 19.38
C PHE A 747 4.27 12.63 19.31
N SER A 748 3.28 12.10 20.02
CA SER A 748 1.92 12.64 19.99
C SER A 748 1.71 13.78 20.98
N ALA A 749 2.78 14.49 21.35
CA ALA A 749 2.64 15.67 22.18
C ALA A 749 1.78 16.78 21.58
N PRO A 750 1.85 17.10 20.28
CA PRO A 750 1.09 18.27 19.78
C PRO A 750 -0.41 18.18 19.99
N GLU A 751 -0.99 16.98 20.03
CA GLU A 751 -2.44 16.83 20.17
C GLU A 751 -2.89 16.80 21.62
N TRP A 752 -2.11 17.38 22.54
CA TRP A 752 -2.47 17.31 23.95
C TRP A 752 -3.82 17.93 24.30
N PRO A 753 -4.26 19.06 23.73
CA PRO A 753 -5.58 19.59 24.15
C PRO A 753 -6.74 18.70 23.77
N TYR A 754 -6.69 18.08 22.59
CA TYR A 754 -7.75 17.17 22.19
C TYR A 754 -7.78 15.93 23.07
N MET A 755 -6.60 15.39 23.40
CA MET A 755 -6.55 14.27 24.34
C MET A 755 -7.09 14.68 25.71
N LEU A 756 -6.78 15.90 26.16
CA LEU A 756 -7.27 16.35 27.45
C LEU A 756 -8.79 16.45 27.48
N VAL A 757 -9.38 17.06 26.44
CA VAL A 757 -10.82 17.22 26.43
C VAL A 757 -11.53 15.87 26.27
N GLY A 758 -10.98 14.99 25.43
CA GLY A 758 -11.55 13.67 25.32
C GLY A 758 -11.46 12.88 26.61
N SER A 759 -10.33 13.01 27.32
CA SER A 759 -10.15 12.32 28.58
C SER A 759 -11.15 12.82 29.61
N VAL A 760 -11.39 14.14 29.66
CA VAL A 760 -12.36 14.67 30.61
C VAL A 760 -13.76 14.16 30.28
N GLY A 761 -14.13 14.21 29.00
CA GLY A 761 -15.45 13.75 28.61
C GLY A 761 -15.67 12.28 28.92
N ALA A 762 -14.70 11.44 28.59
CA ALA A 762 -14.85 10.01 28.84
C ALA A 762 -14.74 9.68 30.31
N ALA A 763 -14.04 10.52 31.09
CA ALA A 763 -14.06 10.34 32.54
C ALA A 763 -15.44 10.58 33.09
N VAL A 764 -16.10 11.65 32.65
CA VAL A 764 -17.48 11.89 33.09
C VAL A 764 -18.40 10.75 32.65
N ASN A 765 -18.22 10.28 31.41
CA ASN A 765 -19.03 9.19 30.91
C ASN A 765 -18.81 7.91 31.70
N GLY A 766 -17.59 7.66 32.17
CA GLY A 766 -17.35 6.53 33.05
C GLY A 766 -17.98 6.71 34.41
N THR A 767 -17.93 7.93 34.95
CA THR A 767 -18.45 8.14 36.30
C THR A 767 -19.97 8.07 36.38
N VAL A 768 -20.67 8.43 35.29
CA VAL A 768 -22.12 8.63 35.42
C VAL A 768 -22.83 7.34 35.79
N THR A 769 -22.36 6.18 35.29
CA THR A 769 -23.12 4.94 35.49
C THR A 769 -23.17 4.50 36.94
N PRO A 770 -22.04 4.29 37.65
CA PRO A 770 -22.15 3.91 39.06
C PRO A 770 -22.82 4.97 39.92
N LEU A 771 -22.65 6.25 39.57
CA LEU A 771 -23.36 7.30 40.27
C LEU A 771 -24.87 7.12 40.11
N TYR A 772 -25.30 6.75 38.91
CA TYR A 772 -26.72 6.46 38.71
C TYR A 772 -27.16 5.30 39.58
N ALA A 773 -26.37 4.22 39.61
CA ALA A 773 -26.75 3.07 40.43
C ALA A 773 -26.93 3.48 41.87
N PHE A 774 -26.04 4.25 42.43
CA PHE A 774 -26.09 4.66 43.83
C PHE A 774 -27.30 5.55 44.08
N LEU A 775 -27.46 6.55 43.22
CA LEU A 775 -28.57 7.48 43.43
C LEU A 775 -29.91 6.78 43.29
N PHE A 776 -30.03 5.91 42.28
CA PHE A 776 -31.31 5.17 42.08
C PHE A 776 -31.57 4.30 43.32
N SER A 777 -30.58 3.49 43.73
CA SER A 777 -30.78 2.61 44.88
C SER A 777 -31.14 3.41 46.13
N GLN A 778 -30.56 4.59 46.29
CA GLN A 778 -30.96 5.47 47.39
C GLN A 778 -32.41 5.89 47.23
N ILE A 779 -32.79 6.28 46.01
CA ILE A 779 -34.11 6.88 45.79
C ILE A 779 -35.22 5.88 46.07
N LEU A 780 -35.02 4.61 45.67
CA LEU A 780 -36.04 3.61 45.94
C LEU A 780 -36.37 3.51 47.42
N GLY A 781 -35.35 3.33 48.25
CA GLY A 781 -35.56 3.15 49.68
C GLY A 781 -35.03 4.29 50.52
N GLU A 790 -43.33 5.96 48.60
CA GLU A 790 -43.41 6.34 47.20
C GLU A 790 -44.58 7.29 46.96
N GLN A 791 -44.81 8.19 47.91
CA GLN A 791 -45.97 9.08 47.88
C GLN A 791 -45.67 10.44 47.27
N ARG A 792 -44.68 11.17 47.78
CA ARG A 792 -44.45 12.55 47.41
C ARG A 792 -43.05 12.75 46.85
N SER A 793 -42.97 13.35 45.66
CA SER A 793 -41.76 13.88 45.02
C SER A 793 -40.80 12.81 44.53
N GLN A 794 -41.06 11.52 44.79
CA GLN A 794 -40.15 10.49 44.30
C GLN A 794 -40.19 10.40 42.78
N ILE A 795 -41.37 10.54 42.18
CA ILE A 795 -41.48 10.53 40.73
C ILE A 795 -40.79 11.75 40.13
N ASN A 796 -40.94 12.91 40.77
CA ASN A 796 -40.24 14.10 40.33
C ASN A 796 -38.73 13.89 40.37
N GLY A 797 -38.23 13.32 41.46
CA GLY A 797 -36.80 13.04 41.54
C GLY A 797 -36.34 12.10 40.45
N VAL A 798 -37.12 11.06 40.18
CA VAL A 798 -36.73 10.09 39.15
C VAL A 798 -36.68 10.75 37.79
N CYS A 799 -37.71 11.52 37.45
CA CYS A 799 -37.75 12.16 36.13
C CYS A 799 -36.64 13.19 35.99
N LEU A 800 -36.40 13.98 37.04
CA LEU A 800 -35.32 14.96 37.01
C LEU A 800 -33.98 14.29 36.83
N LEU A 801 -33.73 13.19 37.54
CA LEU A 801 -32.48 12.47 37.36
C LEU A 801 -32.34 11.95 35.94
N PHE A 802 -33.42 11.39 35.37
CA PHE A 802 -33.33 10.84 34.03
C PHE A 802 -33.00 11.93 33.01
N VAL A 803 -33.69 13.07 33.09
CA VAL A 803 -33.45 14.13 32.12
C VAL A 803 -32.05 14.72 32.31
N ALA A 804 -31.60 14.84 33.56
CA ALA A 804 -30.25 15.37 33.79
C ALA A 804 -29.19 14.43 33.22
N MET A 805 -29.35 13.12 33.42
CA MET A 805 -28.37 12.20 32.87
C MET A 805 -28.35 12.24 31.35
N GLY A 806 -29.53 12.29 30.72
CA GLY A 806 -29.55 12.40 29.26
C GLY A 806 -28.86 13.66 28.78
N CYS A 807 -29.16 14.78 29.45
CA CYS A 807 -28.58 16.07 29.06
C CYS A 807 -27.06 16.04 29.16
N VAL A 808 -26.53 15.56 30.28
CA VAL A 808 -25.07 15.53 30.43
C VAL A 808 -24.45 14.54 29.45
N SER A 809 -25.06 13.36 29.30
CA SER A 809 -24.47 12.30 28.50
C SER A 809 -24.36 12.69 27.04
N LEU A 810 -25.34 13.46 26.52
CA LEU A 810 -25.24 13.88 25.14
C LEU A 810 -23.94 14.64 24.88
N PHE A 811 -23.70 15.71 25.64
CA PHE A 811 -22.49 16.50 25.44
C PHE A 811 -21.24 15.66 25.68
N THR A 812 -21.21 14.87 26.75
CA THR A 812 -19.96 14.20 27.10
C THR A 812 -19.62 13.10 26.10
N GLN A 813 -20.62 12.36 25.63
CA GLN A 813 -20.36 11.35 24.60
C GLN A 813 -19.89 12.00 23.31
N PHE A 814 -20.52 13.11 22.91
CA PHE A 814 -20.05 13.82 21.72
C PHE A 814 -18.61 14.25 21.88
N LEU A 815 -18.27 14.82 23.05
CA LEU A 815 -16.91 15.30 23.29
C LEU A 815 -15.91 14.17 23.19
N GLN A 816 -16.20 13.05 23.84
CA GLN A 816 -15.27 11.91 23.81
C GLN A 816 -15.03 11.45 22.38
N GLY A 817 -16.12 11.19 21.65
CA GLY A 817 -15.96 10.67 20.28
C GLY A 817 -15.21 11.64 19.39
N TYR A 818 -15.61 12.91 19.40
CA TYR A 818 -15.00 13.90 18.52
C TYR A 818 -13.53 14.09 18.84
N ALA A 819 -13.20 14.27 20.12
CA ALA A 819 -11.81 14.54 20.48
C ALA A 819 -10.91 13.36 20.12
N PHE A 820 -11.35 12.14 20.41
CA PHE A 820 -10.45 11.02 20.15
C PHE A 820 -10.31 10.75 18.65
N ALA A 821 -11.39 10.95 17.88
CA ALA A 821 -11.26 10.82 16.43
C ALA A 821 -10.31 11.86 15.87
N LYS A 822 -10.41 13.11 16.32
CA LYS A 822 -9.53 14.16 15.84
C LYS A 822 -8.08 13.86 16.17
N SER A 823 -7.82 13.41 17.41
CA SER A 823 -6.46 13.09 17.80
C SER A 823 -5.90 11.98 16.92
N GLY A 824 -6.68 10.92 16.68
CA GLY A 824 -6.21 9.86 15.83
C GLY A 824 -5.89 10.34 14.42
N GLU A 825 -6.76 11.18 13.85
CA GLU A 825 -6.55 11.66 12.49
C GLU A 825 -5.27 12.49 12.39
N LEU A 826 -5.08 13.43 13.33
CA LEU A 826 -3.87 14.24 13.31
C LEU A 826 -2.62 13.38 13.49
N LEU A 827 -2.69 12.40 14.40
CA LEU A 827 -1.54 11.55 14.65
C LEU A 827 -1.16 10.78 13.39
N THR A 828 -2.15 10.24 12.68
CA THR A 828 -1.84 9.45 11.48
C THR A 828 -1.33 10.34 10.35
N LYS A 829 -1.86 11.55 10.23
CA LYS A 829 -1.33 12.47 9.21
C LYS A 829 0.14 12.77 9.47
N ARG A 830 0.48 13.09 10.72
CA ARG A 830 1.87 13.38 11.05
C ARG A 830 2.76 12.16 10.84
N LEU A 831 2.28 10.97 11.20
CA LEU A 831 3.06 9.76 10.98
C LEU A 831 3.35 9.54 9.50
N ARG A 832 2.34 9.67 8.64
CA ARG A 832 2.55 9.45 7.22
C ARG A 832 3.53 10.48 6.64
N LYS A 833 3.36 11.75 7.01
CA LYS A 833 4.24 12.79 6.50
C LYS A 833 5.69 12.56 6.92
N PHE A 834 5.91 12.29 8.20
CA PHE A 834 7.26 12.10 8.70
C PHE A 834 7.89 10.84 8.11
N GLY A 835 7.10 9.79 7.94
CA GLY A 835 7.62 8.58 7.34
C GLY A 835 8.07 8.79 5.90
N PHE A 836 7.25 9.50 5.11
CA PHE A 836 7.65 9.77 3.73
C PHE A 836 8.91 10.64 3.69
N ARG A 837 8.98 11.65 4.55
CA ARG A 837 10.16 12.51 4.59
C ARG A 837 11.42 11.71 4.92
N ALA A 838 11.34 10.87 5.96
CA ALA A 838 12.50 10.06 6.35
C ALA A 838 12.88 9.08 5.26
N MET A 839 11.89 8.50 4.57
CA MET A 839 12.18 7.60 3.47
C MET A 839 12.92 8.32 2.36
N LEU A 840 12.49 9.55 2.04
CA LEU A 840 13.17 10.30 0.99
C LEU A 840 14.55 10.77 1.41
N GLY A 841 14.80 10.91 2.71
CA GLY A 841 16.11 11.36 3.15
C GLY A 841 17.22 10.34 3.16
N GLN A 842 16.92 9.08 2.79
CA GLN A 842 17.92 8.03 2.84
C GLN A 842 18.76 8.03 1.55
N ASP A 843 19.90 7.36 1.63
CA ASP A 843 20.86 7.35 0.53
C ASP A 843 20.54 6.23 -0.46
N ILE A 844 21.19 6.31 -1.62
CA ILE A 844 20.85 5.44 -2.75
C ILE A 844 21.18 3.98 -2.45
N ALA A 845 22.23 3.72 -1.69
CA ALA A 845 22.57 2.34 -1.34
C ALA A 845 21.49 1.71 -0.47
N TRP A 846 20.77 2.53 0.30
CA TRP A 846 19.66 2.01 1.11
C TRP A 846 18.51 1.53 0.23
N PHE A 847 18.26 2.23 -0.87
CA PHE A 847 17.21 1.82 -1.79
C PHE A 847 17.63 0.64 -2.66
N ASP A 848 18.93 0.38 -2.79
CA ASP A 848 19.41 -0.78 -3.51
C ASP A 848 19.34 -2.06 -2.70
N ASP A 849 18.98 -1.97 -1.42
CA ASP A 849 18.84 -3.16 -0.60
C ASP A 849 17.71 -4.04 -1.14
N LEU A 850 17.97 -5.35 -1.17
CA LEU A 850 16.98 -6.28 -1.71
C LEU A 850 15.73 -6.37 -0.84
N ARG A 851 15.78 -5.82 0.38
CA ARG A 851 14.63 -5.77 1.27
C ARG A 851 14.02 -4.38 1.36
N ASN A 852 14.34 -3.50 0.42
CA ASN A 852 13.87 -2.12 0.42
C ASN A 852 13.26 -1.76 -0.93
N SER A 853 12.48 -2.67 -1.49
CA SER A 853 11.87 -2.44 -2.79
C SER A 853 10.75 -1.40 -2.69
N PRO A 854 10.44 -0.71 -3.79
CA PRO A 854 9.31 0.23 -3.76
C PRO A 854 7.98 -0.42 -3.45
N GLY A 855 7.76 -1.66 -3.86
CA GLY A 855 6.54 -2.35 -3.45
C GLY A 855 6.48 -2.52 -1.95
N ALA A 856 7.57 -3.02 -1.36
CA ALA A 856 7.63 -3.22 0.08
C ALA A 856 7.52 -1.89 0.83
N LEU A 857 8.23 -0.86 0.36
CA LEU A 857 8.19 0.42 1.04
C LEU A 857 6.83 1.08 0.91
N THR A 858 6.18 0.92 -0.25
CA THR A 858 4.86 1.50 -0.45
C THR A 858 3.84 0.84 0.46
N THR A 859 3.83 -0.50 0.52
CA THR A 859 2.88 -1.13 1.44
C THR A 859 3.21 -0.84 2.89
N ARG A 860 4.50 -0.70 3.22
CA ARG A 860 4.88 -0.33 4.58
C ARG A 860 4.33 1.05 4.94
N LEU A 861 4.53 2.03 4.07
CA LEU A 861 4.03 3.37 4.32
C LEU A 861 2.50 3.39 4.40
N ALA A 862 1.85 2.60 3.55
CA ALA A 862 0.39 2.59 3.53
C ALA A 862 -0.21 1.91 4.75
N THR A 863 0.44 0.85 5.26
CA THR A 863 -0.17 0.00 6.27
C THR A 863 0.27 0.27 7.69
N ASP A 864 1.51 0.75 7.91
CA ASP A 864 1.94 1.02 9.28
C ASP A 864 1.08 2.10 9.92
N ALA A 865 0.79 3.17 9.16
CA ALA A 865 -0.02 4.24 9.70
C ALA A 865 -1.44 3.77 10.01
N SER A 866 -2.01 2.95 9.14
CA SER A 866 -3.36 2.43 9.39
C SER A 866 -3.39 1.53 10.61
N GLN A 867 -2.37 0.68 10.77
CA GLN A 867 -2.30 -0.19 11.95
C GLN A 867 -2.18 0.64 13.22
N VAL A 868 -1.38 1.71 13.19
CA VAL A 868 -1.27 2.57 14.36
C VAL A 868 -2.59 3.29 14.62
N GLN A 869 -3.28 3.69 13.55
CA GLN A 869 -4.59 4.35 13.70
C GLN A 869 -5.59 3.42 14.40
N GLY A 870 -5.60 2.15 14.02
CA GLY A 870 -6.53 1.20 14.58
C GLY A 870 -6.42 1.04 16.09
N ALA A 871 -5.33 1.52 16.68
CA ALA A 871 -5.19 1.54 18.13
C ALA A 871 -5.16 2.94 18.72
N ALA A 872 -4.85 3.96 17.93
CA ALA A 872 -4.81 5.33 18.40
C ALA A 872 -6.09 6.11 18.15
N GLY A 873 -7.12 5.46 17.62
CA GLY A 873 -8.37 6.15 17.42
C GLY A 873 -9.24 6.19 18.66
N SER A 874 -10.49 5.74 18.55
CA SER A 874 -11.43 5.74 19.67
C SER A 874 -11.12 4.65 20.70
N GLN A 875 -10.14 3.80 20.40
CA GLN A 875 -9.77 2.76 21.36
C GLN A 875 -9.32 3.35 22.68
N ILE A 876 -8.55 4.44 22.63
CA ILE A 876 -8.09 5.08 23.87
C ILE A 876 -9.26 5.62 24.66
N GLY A 877 -10.24 6.20 23.97
CA GLY A 877 -11.43 6.69 24.66
C GLY A 877 -12.19 5.58 25.34
N MET A 878 -12.36 4.44 24.65
CA MET A 878 -13.01 3.29 25.28
C MET A 878 -12.22 2.80 26.49
N ILE A 879 -10.89 2.76 26.38
CA ILE A 879 -10.05 2.29 27.48
C ILE A 879 -10.24 3.18 28.70
N VAL A 880 -10.14 4.50 28.51
CA VAL A 880 -10.23 5.40 29.65
C VAL A 880 -11.64 5.41 30.22
N ASN A 881 -12.66 5.25 29.38
CA ASN A 881 -14.03 5.12 29.86
C ASN A 881 -14.17 3.92 30.79
N SER A 882 -13.69 2.75 30.34
CA SER A 882 -13.78 1.55 31.15
C SER A 882 -13.00 1.68 32.45
N PHE A 883 -11.79 2.24 32.38
CA PHE A 883 -10.97 2.36 33.58
C PHE A 883 -11.62 3.29 34.59
N THR A 884 -12.16 4.42 34.14
CA THR A 884 -12.86 5.32 35.06
C THR A 884 -14.06 4.62 35.67
N ASN A 885 -14.78 3.84 34.87
CA ASN A 885 -15.92 3.09 35.39
C ASN A 885 -15.49 2.16 36.53
N VAL A 886 -14.47 1.34 36.30
CA VAL A 886 -14.04 0.39 37.33
C VAL A 886 -13.54 1.13 38.56
N THR A 887 -12.83 2.24 38.37
CA THR A 887 -12.26 2.96 39.51
C THR A 887 -13.35 3.56 40.37
N VAL A 888 -14.35 4.21 39.76
CA VAL A 888 -15.43 4.79 40.53
C VAL A 888 -16.25 3.71 41.22
N ALA A 889 -16.50 2.59 40.53
CA ALA A 889 -17.26 1.50 41.12
C ALA A 889 -16.54 0.95 42.35
N MET A 890 -15.24 0.72 42.24
CA MET A 890 -14.53 0.22 43.41
C MET A 890 -14.45 1.26 44.52
N ILE A 891 -14.35 2.54 44.17
CA ILE A 891 -14.29 3.58 45.21
C ILE A 891 -15.56 3.56 46.05
N ILE A 892 -16.72 3.58 45.40
CA ILE A 892 -17.95 3.62 46.20
C ILE A 892 -18.35 2.24 46.71
N ALA A 893 -17.72 1.18 46.24
CA ALA A 893 -17.88 -0.11 46.89
C ALA A 893 -17.08 -0.19 48.19
N PHE A 894 -15.83 0.28 48.17
CA PHE A 894 -15.02 0.33 49.39
C PHE A 894 -15.54 1.38 50.37
N SER A 895 -16.30 2.36 49.91
CA SER A 895 -16.81 3.38 50.81
C SER A 895 -17.79 2.85 51.84
N PHE A 896 -18.32 1.64 51.65
CA PHE A 896 -19.35 1.09 52.53
C PHE A 896 -18.85 -0.12 53.31
N SER A 897 -18.39 -1.16 52.63
CA SER A 897 -17.86 -2.36 53.28
C SER A 897 -16.60 -2.77 52.55
N TRP A 898 -15.49 -2.88 53.29
CA TRP A 898 -14.21 -3.17 52.66
C TRP A 898 -13.95 -4.66 52.47
N LYS A 899 -14.66 -5.52 53.18
CA LYS A 899 -14.43 -6.97 53.16
C LYS A 899 -15.01 -7.59 51.89
N LEU A 900 -16.16 -7.16 51.44
CA LEU A 900 -16.74 -7.59 50.17
C LEU A 900 -16.00 -6.97 48.99
N SER A 901 -15.64 -5.69 49.10
CA SER A 901 -14.93 -5.04 48.01
C SER A 901 -13.54 -5.64 47.82
N LEU A 902 -12.88 -6.02 48.91
CA LEU A 902 -11.60 -6.73 48.79
C LEU A 902 -11.79 -8.07 48.09
N VAL A 903 -12.84 -8.80 48.46
CA VAL A 903 -13.11 -10.07 47.81
C VAL A 903 -13.34 -9.88 46.31
N ILE A 904 -14.04 -8.80 45.94
CA ILE A 904 -14.30 -8.53 44.53
C ILE A 904 -13.00 -8.14 43.81
N LEU A 905 -12.18 -7.31 44.45
CA LEU A 905 -10.93 -6.84 43.85
C LEU A 905 -9.90 -7.95 43.73
N CYS A 906 -10.07 -9.05 44.46
CA CYS A 906 -9.10 -10.13 44.41
C CYS A 906 -8.92 -10.72 43.02
N PHE A 907 -9.87 -10.52 42.09
CA PHE A 907 -9.87 -11.25 40.83
C PHE A 907 -9.17 -10.54 39.68
N PHE A 908 -8.97 -9.23 39.75
CA PHE A 908 -8.47 -8.49 38.60
C PHE A 908 -7.06 -8.87 38.13
N PRO A 909 -6.15 -9.36 38.98
CA PRO A 909 -4.87 -9.85 38.44
C PRO A 909 -5.03 -10.88 37.35
N PHE A 910 -6.05 -11.74 37.42
CA PHE A 910 -6.29 -12.70 36.35
C PHE A 910 -6.63 -11.98 35.04
N LEU A 911 -7.43 -10.91 35.12
CA LEU A 911 -7.74 -10.12 33.94
C LEU A 911 -6.48 -9.50 33.34
N ALA A 912 -5.63 -8.94 34.19
CA ALA A 912 -4.38 -8.35 33.68
C ALA A 912 -3.50 -9.41 33.03
N LEU A 913 -3.42 -10.59 33.65
CA LEU A 913 -2.62 -11.67 33.09
C LEU A 913 -3.15 -12.10 31.73
N SER A 914 -4.46 -12.22 31.59
CA SER A 914 -5.04 -12.59 30.31
C SER A 914 -4.74 -11.56 29.23
N GLY A 915 -4.86 -10.27 29.57
CA GLY A 915 -4.53 -9.24 28.61
C GLY A 915 -3.08 -9.30 28.17
N ALA A 916 -2.16 -9.45 29.14
CA ALA A 916 -0.74 -9.52 28.81
C ALA A 916 -0.43 -10.72 27.94
N THR A 917 -1.03 -11.88 28.25
CA THR A 917 -0.78 -13.07 27.45
C THR A 917 -1.25 -12.88 26.02
N GLN A 918 -2.45 -12.32 25.84
CA GLN A 918 -2.94 -12.08 24.49
C GLN A 918 -2.01 -11.15 23.73
N THR A 919 -1.53 -10.08 24.38
CA THR A 919 -0.62 -9.17 23.70
C THR A 919 0.67 -9.88 23.29
N ARG A 920 1.18 -10.75 24.16
CA ARG A 920 2.42 -11.46 23.85
C ARG A 920 2.26 -12.32 22.60
N MET A 921 1.23 -13.17 22.57
CA MET A 921 1.06 -14.04 21.40
C MET A 921 0.77 -13.22 20.15
N LEU A 922 -0.01 -12.14 20.28
CA LEU A 922 -0.33 -11.31 19.13
C LEU A 922 0.92 -10.69 18.52
N THR A 923 1.80 -10.16 19.37
CA THR A 923 3.06 -9.60 18.87
C THR A 923 3.89 -10.68 18.19
N GLY A 924 3.95 -11.88 18.81
CA GLY A 924 4.70 -12.96 18.21
C GLY A 924 4.24 -13.27 16.79
N PHE A 925 2.93 -13.33 16.57
CA PHE A 925 2.43 -13.62 15.22
C PHE A 925 2.65 -12.46 14.26
N ALA A 926 2.42 -11.23 14.73
CA ALA A 926 2.58 -10.07 13.85
C ALA A 926 4.02 -9.94 13.35
N SER A 927 4.99 -10.41 14.14
CA SER A 927 6.39 -10.31 13.76
C SER A 927 6.65 -10.86 12.36
N ARG A 928 6.04 -11.99 12.01
CA ARG A 928 6.19 -12.55 10.67
C ARG A 928 5.02 -12.22 9.74
N ASP A 929 3.86 -11.87 10.29
CA ASP A 929 2.80 -11.35 9.44
C ASP A 929 3.28 -10.14 8.64
N LYS A 930 4.17 -9.33 9.18
CA LYS A 930 4.60 -8.11 8.45
C LYS A 930 5.57 -8.50 7.34
N GLN A 931 6.37 -9.50 7.55
CA GLN A 931 7.22 -9.94 6.44
C GLN A 931 6.39 -10.52 5.31
N ALA A 932 5.37 -11.32 5.64
CA ALA A 932 4.52 -11.86 4.60
C ALA A 932 3.81 -10.76 3.82
N LEU A 933 3.32 -9.74 4.53
CA LEU A 933 2.65 -8.62 3.86
C LEU A 933 3.61 -7.88 2.93
N GLU A 934 4.83 -7.63 3.40
CA GLU A 934 5.80 -6.93 2.56
C GLU A 934 6.12 -7.73 1.31
N MET A 935 6.26 -9.05 1.45
CA MET A 935 6.57 -9.87 0.28
C MET A 935 5.43 -9.89 -0.73
N VAL A 936 4.18 -9.98 -0.26
CA VAL A 936 3.07 -9.98 -1.20
C VAL A 936 2.98 -8.62 -1.90
N GLY A 937 3.25 -7.54 -1.17
CA GLY A 937 3.26 -6.23 -1.80
C GLY A 937 4.31 -6.10 -2.87
N GLN A 938 5.52 -6.60 -2.59
CA GLN A 938 6.59 -6.57 -3.59
C GLN A 938 6.20 -7.37 -4.83
N ILE A 939 5.65 -8.56 -4.64
CA ILE A 939 5.28 -9.40 -5.77
C ILE A 939 4.21 -8.71 -6.61
N THR A 940 3.20 -8.15 -5.96
CA THR A 940 2.11 -7.55 -6.72
C THR A 940 2.55 -6.29 -7.45
N ASN A 941 3.44 -5.49 -6.85
CA ASN A 941 3.91 -4.28 -7.52
C ASN A 941 4.79 -4.65 -8.71
N GLU A 942 5.67 -5.64 -8.54
CA GLU A 942 6.52 -6.06 -9.64
C GLU A 942 5.68 -6.62 -10.79
N ALA A 943 4.62 -7.36 -10.46
CA ALA A 943 3.75 -7.90 -11.51
C ALA A 943 3.00 -6.79 -12.24
N LEU A 944 2.45 -5.83 -11.49
CA LEU A 944 1.60 -4.82 -12.10
C LEU A 944 2.41 -3.82 -12.92
N SER A 945 3.57 -3.40 -12.42
CA SER A 945 4.30 -2.31 -13.06
C SER A 945 4.86 -2.70 -14.43
N ASN A 946 4.98 -3.99 -14.72
CA ASN A 946 5.60 -4.47 -15.95
C ASN A 946 4.66 -5.40 -16.68
N ILE A 947 3.41 -4.96 -16.86
CA ILE A 947 2.41 -5.77 -17.54
C ILE A 947 2.82 -6.09 -18.96
N ARG A 948 3.46 -5.13 -19.64
CA ARG A 948 3.86 -5.36 -21.03
C ARG A 948 4.89 -6.46 -21.15
N THR A 949 5.87 -6.50 -20.24
CA THR A 949 6.87 -7.55 -20.27
C THR A 949 6.26 -8.91 -19.92
N VAL A 950 5.38 -8.94 -18.92
CA VAL A 950 4.77 -10.20 -18.50
C VAL A 950 3.89 -10.75 -19.62
N ALA A 951 3.15 -9.87 -20.30
CA ALA A 951 2.32 -10.29 -21.42
C ALA A 951 3.16 -10.73 -22.61
N GLY A 952 4.31 -10.08 -22.83
CA GLY A 952 5.14 -10.44 -23.96
C GLY A 952 5.64 -11.87 -23.89
N ILE A 953 6.12 -12.28 -22.72
CA ILE A 953 6.61 -13.65 -22.57
C ILE A 953 5.47 -14.64 -22.30
N GLY A 954 4.29 -14.16 -21.92
CA GLY A 954 3.13 -15.00 -21.78
C GLY A 954 3.00 -15.74 -20.47
N LYS A 955 3.79 -15.40 -19.46
CA LYS A 955 3.74 -16.10 -18.18
C LYS A 955 2.81 -15.35 -17.22
N GLU A 956 1.54 -15.30 -17.61
CA GLU A 956 0.52 -14.72 -16.75
C GLU A 956 0.24 -15.62 -15.55
N ARG A 957 0.21 -16.94 -15.78
CA ARG A 957 -0.14 -17.88 -14.72
C ARG A 957 0.91 -17.90 -13.61
N ARG A 958 2.18 -17.78 -13.97
CA ARG A 958 3.25 -17.89 -12.98
C ARG A 958 3.12 -16.83 -11.90
N PHE A 959 2.80 -15.59 -12.28
CA PHE A 959 2.76 -14.52 -11.30
C PHE A 959 1.56 -14.67 -10.37
N ILE A 960 0.41 -15.07 -10.91
CA ILE A 960 -0.76 -15.30 -10.06
C ILE A 960 -0.50 -16.46 -9.10
N GLU A 961 0.12 -17.52 -9.60
CA GLU A 961 0.46 -18.65 -8.73
C GLU A 961 1.42 -18.23 -7.62
N ALA A 962 2.42 -17.41 -7.96
CA ALA A 962 3.35 -16.93 -6.95
C ALA A 962 2.65 -16.07 -5.92
N LEU A 963 1.72 -15.21 -6.35
CA LEU A 963 0.98 -14.39 -5.40
C LEU A 963 0.13 -15.25 -4.47
N GLU A 964 -0.52 -16.28 -5.02
CA GLU A 964 -1.32 -17.17 -4.17
C GLU A 964 -0.43 -17.93 -3.19
N THR A 965 0.74 -18.38 -3.64
CA THR A 965 1.65 -19.09 -2.75
C THR A 965 2.12 -18.19 -1.62
N GLU A 966 2.45 -16.94 -1.92
CA GLU A 966 2.88 -16.03 -0.86
C GLU A 966 1.72 -15.61 0.04
N LEU A 967 0.49 -15.61 -0.49
CA LEU A 967 -0.69 -15.29 0.31
C LEU A 967 -1.11 -16.42 1.24
N GLU A 968 -0.79 -17.67 0.89
CA GLU A 968 -1.18 -18.80 1.72
C GLU A 968 -0.49 -18.80 3.08
N LYS A 969 0.55 -17.97 3.27
CA LYS A 969 1.32 -18.06 4.50
C LYS A 969 0.60 -17.46 5.71
N PRO A 970 -0.01 -16.27 5.64
CA PRO A 970 -0.70 -15.74 6.82
C PRO A 970 -2.00 -16.46 7.17
N PHE A 971 -2.47 -17.40 6.34
CA PHE A 971 -3.74 -18.08 6.63
C PHE A 971 -3.64 -18.91 7.91
N LYS A 972 -2.55 -19.66 8.06
CA LYS A 972 -2.33 -20.44 9.28
C LYS A 972 -2.22 -19.54 10.49
N THR A 973 -1.50 -18.43 10.34
CA THR A 973 -1.39 -17.48 11.45
C THR A 973 -2.76 -16.97 11.85
N ALA A 974 -3.61 -16.64 10.87
CA ALA A 974 -4.93 -16.10 11.19
C ALA A 974 -5.78 -17.12 11.93
N ILE A 975 -5.80 -18.37 11.46
CA ILE A 975 -6.61 -19.38 12.15
C ILE A 975 -6.06 -19.62 13.54
N GLN A 976 -4.77 -19.37 13.77
CA GLN A 976 -4.22 -19.52 15.12
C GLN A 976 -4.54 -18.32 16.03
N LYS A 977 -4.52 -17.09 15.49
CA LYS A 977 -4.84 -15.93 16.33
C LYS A 977 -6.32 -15.82 16.66
N ALA A 978 -7.19 -16.40 15.84
CA ALA A 978 -8.61 -16.38 16.17
C ALA A 978 -8.86 -17.06 17.51
N ASN A 979 -8.22 -18.21 17.74
CA ASN A 979 -8.39 -18.92 19.00
C ASN A 979 -7.92 -18.07 20.18
N ILE A 980 -6.77 -17.41 20.05
CA ILE A 980 -6.24 -16.58 21.13
C ILE A 980 -7.20 -15.46 21.47
N TYR A 981 -7.67 -14.74 20.44
CA TYR A 981 -8.59 -13.63 20.65
C TYR A 981 -9.87 -14.10 21.34
N GLY A 982 -10.48 -15.17 20.80
CA GLY A 982 -11.72 -15.66 21.38
C GLY A 982 -11.56 -16.10 22.81
N PHE A 983 -10.50 -16.87 23.10
CA PHE A 983 -10.31 -17.37 24.45
C PHE A 983 -10.08 -16.24 25.44
N CYS A 984 -9.30 -15.22 25.05
CA CYS A 984 -9.04 -14.14 26.01
C CYS A 984 -10.30 -13.31 26.28
N PHE A 985 -11.06 -12.99 25.22
CA PHE A 985 -12.32 -12.28 25.41
C PHE A 985 -13.26 -13.07 26.33
N ALA A 986 -13.42 -14.36 26.05
CA ALA A 986 -14.30 -15.21 26.84
C ALA A 986 -13.83 -15.31 28.29
N PHE A 987 -12.52 -15.43 28.49
CA PHE A 987 -11.98 -15.56 29.84
C PHE A 987 -12.25 -14.32 30.68
N ALA A 988 -12.07 -13.14 30.09
CA ALA A 988 -12.39 -11.91 30.81
C ALA A 988 -13.86 -11.87 31.19
N GLN A 989 -14.74 -12.10 30.21
CA GLN A 989 -16.17 -12.02 30.48
C GLN A 989 -16.61 -13.07 31.49
N CYS A 990 -15.95 -14.23 31.51
CA CYS A 990 -16.30 -15.28 32.46
C CYS A 990 -15.83 -14.95 33.87
N ILE A 991 -14.60 -14.44 34.01
CA ILE A 991 -14.10 -14.16 35.35
C ILE A 991 -14.88 -13.05 36.00
N MET A 992 -15.49 -12.16 35.21
CA MET A 992 -16.38 -11.17 35.84
C MET A 992 -17.55 -11.82 36.57
N PHE A 993 -18.21 -12.77 35.92
CA PHE A 993 -19.34 -13.44 36.57
C PHE A 993 -18.86 -14.35 37.71
N ILE A 994 -17.68 -14.94 37.58
CA ILE A 994 -17.09 -15.66 38.71
C ILE A 994 -16.95 -14.74 39.91
N ALA A 995 -16.45 -13.52 39.69
CA ALA A 995 -16.31 -12.57 40.78
C ALA A 995 -17.65 -12.25 41.41
N ASN A 996 -18.68 -12.09 40.58
CA ASN A 996 -20.02 -11.81 41.12
C ASN A 996 -20.54 -12.95 41.98
N SER A 997 -20.35 -14.20 41.52
CA SER A 997 -20.82 -15.34 42.31
C SER A 997 -20.08 -15.44 43.65
N ALA A 998 -18.75 -15.24 43.62
CA ALA A 998 -17.99 -15.26 44.86
C ALA A 998 -18.46 -14.16 45.80
N SER A 999 -18.77 -12.97 45.25
CA SER A 999 -19.28 -11.88 46.06
C SER A 999 -20.61 -12.28 46.71
N TYR A 1000 -21.48 -12.96 45.96
CA TYR A 1000 -22.74 -13.40 46.54
C TYR A 1000 -22.52 -14.36 47.70
N ARG A 1001 -21.62 -15.34 47.53
CA ARG A 1001 -21.36 -16.30 48.60
C ARG A 1001 -20.84 -15.58 49.85
N TYR A 1002 -19.85 -14.71 49.68
CA TYR A 1002 -19.27 -14.04 50.84
C TYR A 1002 -20.26 -13.08 51.49
N GLY A 1003 -21.12 -12.44 50.69
CA GLY A 1003 -22.14 -11.58 51.25
C GLY A 1003 -23.16 -12.34 52.05
N GLY A 1004 -23.53 -13.54 51.57
CA GLY A 1004 -24.39 -14.39 52.37
C GLY A 1004 -23.75 -14.75 53.71
N TYR A 1005 -22.45 -15.03 53.69
CA TYR A 1005 -21.77 -15.33 54.95
C TYR A 1005 -21.78 -14.14 55.89
N LEU A 1006 -21.50 -12.95 55.36
CA LEU A 1006 -21.48 -11.76 56.20
C LEU A 1006 -22.87 -11.46 56.74
N ILE A 1007 -23.91 -11.72 55.95
CA ILE A 1007 -25.27 -11.50 56.42
C ILE A 1007 -25.62 -12.45 57.56
N SER A 1008 -25.33 -13.75 57.37
CA SER A 1008 -25.74 -14.73 58.38
C SER A 1008 -24.91 -14.60 59.65
N ASN A 1009 -23.60 -14.43 59.52
CA ASN A 1009 -22.72 -14.45 60.69
C ASN A 1009 -22.91 -13.21 61.55
N GLU A 1010 -22.66 -12.04 60.99
CA GLU A 1010 -22.76 -10.81 61.75
C GLU A 1010 -24.19 -10.34 61.84
N HIS A 1013 -28.70 -4.45 59.42
CA HIS A 1013 -28.77 -3.43 58.36
C HIS A 1013 -27.82 -3.74 57.23
N PHE A 1014 -27.07 -4.84 57.35
CA PHE A 1014 -26.10 -5.22 56.33
C PHE A 1014 -26.77 -5.57 55.01
N SER A 1015 -28.06 -5.87 55.02
CA SER A 1015 -28.78 -6.17 53.79
C SER A 1015 -28.80 -4.95 52.86
N TYR A 1016 -29.03 -3.76 53.42
CA TYR A 1016 -29.00 -2.54 52.61
C TYR A 1016 -27.62 -2.32 52.01
N VAL A 1017 -26.57 -2.51 52.81
CA VAL A 1017 -25.21 -2.35 52.32
C VAL A 1017 -24.93 -3.32 51.19
N PHE A 1018 -25.33 -4.58 51.35
CA PHE A 1018 -25.13 -5.54 50.28
C PHE A 1018 -25.95 -5.18 49.05
N ARG A 1019 -27.17 -4.68 49.24
CA ARG A 1019 -28.00 -4.29 48.12
C ARG A 1019 -27.32 -3.22 47.28
N VAL A 1020 -26.84 -2.16 47.93
CA VAL A 1020 -26.24 -1.06 47.18
C VAL A 1020 -24.90 -1.47 46.57
N ILE A 1021 -24.11 -2.25 47.31
CA ILE A 1021 -22.82 -2.68 46.78
C ILE A 1021 -23.00 -3.58 45.57
N SER A 1022 -23.96 -4.52 45.66
CA SER A 1022 -24.26 -5.36 44.52
C SER A 1022 -24.81 -4.53 43.36
N ALA A 1023 -25.62 -3.52 43.66
CA ALA A 1023 -26.16 -2.68 42.59
C ALA A 1023 -25.03 -2.01 41.82
N VAL A 1024 -24.06 -1.44 42.53
CA VAL A 1024 -22.97 -0.75 41.84
C VAL A 1024 -22.06 -1.74 41.13
N VAL A 1025 -21.78 -2.89 41.75
CA VAL A 1025 -20.88 -3.84 41.10
C VAL A 1025 -21.53 -4.45 39.85
N LEU A 1026 -22.86 -4.55 39.82
CA LEU A 1026 -23.56 -4.94 38.60
C LEU A 1026 -23.64 -3.83 37.56
N SER A 1027 -23.84 -2.58 37.99
CA SER A 1027 -23.76 -1.47 37.05
C SER A 1027 -22.37 -1.36 36.45
N ALA A 1028 -21.37 -1.98 37.10
CA ALA A 1028 -19.99 -1.98 36.63
C ALA A 1028 -19.58 -3.31 36.01
N THR A 1029 -20.45 -3.92 35.21
CA THR A 1029 -20.16 -5.25 34.66
C THR A 1029 -19.64 -5.23 33.23
N ALA A 1030 -20.02 -4.24 32.42
CA ALA A 1030 -19.66 -4.22 31.00
C ALA A 1030 -18.38 -3.45 30.71
N LEU A 1031 -17.75 -2.89 31.75
CA LEU A 1031 -16.51 -2.15 31.57
C LEU A 1031 -15.32 -3.03 31.24
N GLY A 1032 -15.42 -4.34 31.49
CA GLY A 1032 -14.26 -5.17 31.32
C GLY A 1032 -13.94 -5.60 29.92
N ARG A 1033 -14.74 -5.17 28.94
CA ARG A 1033 -14.41 -5.45 27.55
C ARG A 1033 -13.25 -4.56 27.14
N ALA A 1034 -12.05 -4.94 27.61
CA ALA A 1034 -10.81 -4.29 27.19
C ALA A 1034 -10.01 -5.20 26.28
N PHE A 1035 -10.66 -6.20 25.68
CA PHE A 1035 -10.01 -7.10 24.74
C PHE A 1035 -10.43 -6.85 23.31
N SER A 1036 -11.32 -5.88 23.08
CA SER A 1036 -11.62 -5.46 21.71
C SER A 1036 -10.49 -4.64 21.12
N TYR A 1037 -9.83 -3.82 21.93
CA TYR A 1037 -8.72 -2.99 21.44
C TYR A 1037 -7.39 -3.71 21.46
N THR A 1038 -7.27 -4.82 22.21
CA THR A 1038 -5.99 -5.51 22.29
C THR A 1038 -5.49 -6.07 20.97
N PRO A 1039 -6.30 -6.68 20.10
CA PRO A 1039 -5.74 -7.25 18.86
C PRO A 1039 -5.04 -6.22 17.99
N SER A 1040 -5.51 -4.96 17.99
CA SER A 1040 -4.84 -3.92 17.24
C SER A 1040 -3.63 -3.34 17.98
N TYR A 1041 -3.55 -3.57 19.29
CA TYR A 1041 -2.45 -3.01 20.08
C TYR A 1041 -1.11 -3.60 19.68
N ALA A 1042 -1.06 -4.91 19.43
CA ALA A 1042 0.19 -5.54 19.02
C ALA A 1042 0.61 -5.08 17.64
N LYS A 1043 -0.35 -4.96 16.72
CA LYS A 1043 -0.04 -4.43 15.39
C LYS A 1043 0.54 -3.03 15.50
N ALA A 1044 -0.09 -2.19 16.31
CA ALA A 1044 0.42 -0.83 16.50
C ALA A 1044 1.81 -0.83 17.11
N LYS A 1045 2.04 -1.72 18.08
CA LYS A 1045 3.36 -1.79 18.71
C LYS A 1045 4.44 -2.12 17.69
N ILE A 1046 4.24 -3.18 16.91
CA ILE A 1046 5.26 -3.59 15.96
C ILE A 1046 5.46 -2.52 14.88
N SER A 1047 4.36 -1.95 14.37
CA SER A 1047 4.47 -0.94 13.33
C SER A 1047 5.19 0.29 13.83
N ALA A 1048 4.87 0.75 15.04
CA ALA A 1048 5.53 1.92 15.60
C ALA A 1048 7.02 1.65 15.83
N ALA A 1049 7.35 0.46 16.33
CA ALA A 1049 8.75 0.11 16.50
C ALA A 1049 9.50 0.22 15.18
N ARG A 1050 8.99 -0.43 14.13
CA ARG A 1050 9.65 -0.40 12.84
C ARG A 1050 9.72 1.01 12.26
N PHE A 1051 8.66 1.80 12.45
CA PHE A 1051 8.65 3.17 11.97
C PHE A 1051 9.77 3.98 12.63
N PHE A 1052 9.96 3.80 13.94
CA PHE A 1052 11.01 4.57 14.61
C PHE A 1052 12.40 4.07 14.24
N GLN A 1053 12.58 2.76 14.01
CA GLN A 1053 13.87 2.30 13.53
C GLN A 1053 14.20 2.91 12.17
N LEU A 1054 13.20 3.04 11.31
CA LEU A 1054 13.44 3.71 10.03
C LEU A 1054 13.68 5.20 10.21
N LEU A 1055 13.01 5.82 11.19
CA LEU A 1055 13.11 7.26 11.36
C LEU A 1055 14.47 7.68 11.91
N ASP A 1056 15.04 6.89 12.81
CA ASP A 1056 16.25 7.31 13.51
C ASP A 1056 17.55 6.96 12.81
N ARG A 1057 17.49 6.42 11.59
CA ARG A 1057 18.71 6.04 10.88
C ARG A 1057 19.49 7.26 10.43
N GLN A 1058 20.82 7.13 10.43
CA GLN A 1058 21.72 8.16 9.93
C GLN A 1058 22.35 7.70 8.62
N PRO A 1059 21.98 8.28 7.47
CA PRO A 1059 22.59 7.83 6.22
C PRO A 1059 24.05 8.24 6.14
N PRO A 1060 24.89 7.46 5.48
CA PRO A 1060 26.28 7.90 5.25
C PRO A 1060 26.36 9.17 4.42
N ILE A 1061 25.50 9.32 3.42
CA ILE A 1061 25.42 10.52 2.60
C ILE A 1061 24.06 11.14 2.90
N SER A 1062 24.03 12.09 3.83
CA SER A 1062 22.80 12.69 4.30
C SER A 1062 22.47 13.91 3.44
N VAL A 1063 21.48 13.76 2.55
CA VAL A 1063 21.08 14.87 1.69
C VAL A 1063 20.40 15.97 2.48
N TYR A 1064 19.92 15.69 3.68
CA TYR A 1064 19.34 16.71 4.55
C TYR A 1064 20.38 17.38 5.43
N ASN A 1065 21.64 17.00 5.31
CA ASN A 1065 22.71 17.60 6.12
C ASN A 1065 23.12 18.93 5.49
N THR A 1066 23.07 20.00 6.28
CA THR A 1066 23.43 21.33 5.83
C THR A 1066 24.89 21.66 6.08
N ALA A 1067 25.72 20.65 6.38
CA ALA A 1067 27.14 20.85 6.64
C ALA A 1067 27.94 20.40 5.43
N GLY A 1068 28.91 21.21 5.03
CA GLY A 1068 29.74 20.91 3.89
C GLY A 1068 30.31 22.18 3.29
N GLU A 1069 31.44 22.03 2.62
CA GLU A 1069 32.10 23.18 2.02
C GLU A 1069 31.30 23.72 0.85
N LYS A 1070 31.18 25.05 0.80
CA LYS A 1070 30.54 25.75 -0.30
C LYS A 1070 31.44 26.90 -0.72
N TRP A 1071 31.62 27.06 -2.02
CA TRP A 1071 32.37 28.19 -2.57
C TRP A 1071 31.49 28.93 -3.57
N ASP A 1072 31.57 30.26 -3.53
CA ASP A 1072 30.64 31.09 -4.29
C ASP A 1072 30.90 30.99 -5.79
N ASN A 1073 32.16 30.89 -6.21
CA ASN A 1073 32.51 30.84 -7.62
C ASN A 1073 32.85 29.40 -7.99
N PHE A 1074 31.91 28.73 -8.66
CA PHE A 1074 32.09 27.36 -9.12
C PHE A 1074 32.75 27.35 -10.49
N GLN A 1075 33.60 26.35 -10.72
CA GLN A 1075 34.36 26.27 -11.97
C GLN A 1075 34.24 24.94 -12.71
N GLY A 1076 33.80 23.87 -12.06
CA GLY A 1076 33.64 22.60 -12.73
C GLY A 1076 34.91 21.91 -13.19
N LYS A 1077 35.93 21.87 -12.35
CA LYS A 1077 37.13 21.09 -12.62
C LYS A 1077 37.07 19.80 -11.80
N ILE A 1078 37.12 18.67 -12.49
CA ILE A 1078 36.91 17.36 -11.86
C ILE A 1078 38.07 16.45 -12.23
N ASP A 1079 38.64 15.80 -11.22
CA ASP A 1079 39.66 14.79 -11.46
C ASP A 1079 39.49 13.63 -10.48
N PHE A 1080 39.70 12.42 -10.97
CA PHE A 1080 39.75 11.23 -10.14
C PHE A 1080 41.20 10.92 -9.80
N VAL A 1081 41.45 10.56 -8.54
CA VAL A 1081 42.77 10.09 -8.11
C VAL A 1081 42.60 8.72 -7.48
N ASP A 1082 43.12 7.69 -8.16
CA ASP A 1082 43.17 6.32 -7.66
C ASP A 1082 41.83 5.87 -7.06
N CYS A 1083 40.75 6.11 -7.80
CA CYS A 1083 39.42 5.79 -7.31
C CYS A 1083 39.17 4.29 -7.39
N LYS A 1084 38.71 3.70 -6.28
CA LYS A 1084 38.34 2.30 -6.22
C LYS A 1084 36.96 2.19 -5.57
N PHE A 1085 36.18 1.21 -6.03
CA PHE A 1085 34.80 1.10 -5.57
C PHE A 1085 34.32 -0.33 -5.76
N THR A 1086 33.54 -0.81 -4.79
CA THR A 1086 32.85 -2.09 -4.89
C THR A 1086 31.41 -1.88 -4.44
N TYR A 1087 30.47 -2.43 -5.20
CA TYR A 1087 29.05 -2.24 -4.89
C TYR A 1087 28.70 -2.96 -3.59
N PRO A 1088 27.99 -2.30 -2.67
CA PRO A 1088 27.64 -2.98 -1.40
C PRO A 1088 26.75 -4.19 -1.60
N SER A 1089 25.99 -4.26 -2.69
CA SER A 1089 25.16 -5.42 -2.98
C SER A 1089 25.96 -6.61 -3.50
N ARG A 1090 27.13 -6.37 -4.09
CA ARG A 1090 27.97 -7.43 -4.65
C ARG A 1090 29.39 -7.26 -4.11
N PRO A 1091 29.60 -7.59 -2.83
CA PRO A 1091 30.88 -7.25 -2.18
C PRO A 1091 32.09 -7.98 -2.74
N ASP A 1092 31.92 -9.08 -3.45
CA ASP A 1092 33.03 -9.89 -3.92
C ASP A 1092 33.43 -9.58 -5.36
N SER A 1093 33.02 -8.42 -5.88
CA SER A 1093 33.36 -8.03 -7.25
C SER A 1093 33.73 -6.57 -7.26
N GLN A 1094 35.01 -6.27 -7.47
CA GLN A 1094 35.48 -4.90 -7.56
C GLN A 1094 35.32 -4.39 -8.99
N VAL A 1095 34.70 -3.22 -9.14
CA VAL A 1095 34.37 -2.68 -10.44
C VAL A 1095 35.41 -1.67 -10.92
N LEU A 1096 35.82 -0.74 -10.06
CA LEU A 1096 36.80 0.28 -10.41
C LEU A 1096 38.13 -0.04 -9.76
N ASN A 1097 39.20 -0.09 -10.55
CA ASN A 1097 40.54 -0.39 -10.09
C ASN A 1097 41.44 0.80 -10.43
N GLY A 1098 41.52 1.76 -9.51
CA GLY A 1098 42.40 2.90 -9.67
C GLY A 1098 42.08 3.79 -10.86
N LEU A 1099 40.89 4.39 -10.84
CA LEU A 1099 40.51 5.34 -11.89
C LEU A 1099 41.21 6.67 -11.66
N SER A 1100 41.86 7.20 -12.69
CA SER A 1100 42.58 8.46 -12.55
C SER A 1100 42.52 9.20 -13.89
N VAL A 1101 41.53 10.09 -14.02
CA VAL A 1101 41.43 11.00 -15.16
C VAL A 1101 41.13 12.39 -14.62
N SER A 1102 41.45 13.41 -15.42
CA SER A 1102 41.25 14.80 -15.04
C SER A 1102 40.64 15.55 -16.21
N ILE A 1103 39.84 16.57 -15.88
CA ILE A 1103 39.18 17.41 -16.89
C ILE A 1103 39.33 18.86 -16.47
N SER A 1104 39.88 19.68 -17.37
CA SER A 1104 39.92 21.11 -17.13
C SER A 1104 38.56 21.74 -17.41
N PRO A 1105 38.24 22.86 -16.77
CA PRO A 1105 36.94 23.49 -17.02
C PRO A 1105 36.76 23.87 -18.48
N GLY A 1106 35.58 23.55 -19.01
CA GLY A 1106 35.28 23.83 -20.40
C GLY A 1106 35.63 22.75 -21.38
N GLN A 1107 36.17 21.62 -20.93
CA GLN A 1107 36.55 20.52 -21.81
C GLN A 1107 35.58 19.37 -21.67
N THR A 1108 35.49 18.55 -22.73
CA THR A 1108 34.65 17.37 -22.75
C THR A 1108 35.51 16.13 -22.78
N LEU A 1109 35.07 15.08 -22.09
CA LEU A 1109 35.75 13.81 -22.06
C LEU A 1109 34.83 12.72 -22.56
N ALA A 1110 35.35 11.85 -23.43
CA ALA A 1110 34.62 10.71 -23.94
C ALA A 1110 35.16 9.44 -23.30
N PHE A 1111 34.27 8.75 -22.61
CA PHE A 1111 34.61 7.45 -22.01
C PHE A 1111 34.17 6.36 -22.95
N VAL A 1112 35.11 5.54 -23.40
CA VAL A 1112 34.81 4.46 -24.34
C VAL A 1112 35.30 3.15 -23.75
N GLY A 1113 34.63 2.07 -24.10
CA GLY A 1113 35.02 0.76 -23.65
C GLY A 1113 33.93 -0.25 -23.90
N SER A 1114 34.16 -1.46 -23.42
CA SER A 1114 33.18 -2.52 -23.54
C SER A 1114 32.04 -2.30 -22.54
N SER A 1115 31.01 -3.13 -22.67
CA SER A 1115 29.87 -3.04 -21.76
C SER A 1115 30.26 -3.54 -20.37
N GLY A 1116 29.75 -2.85 -19.35
CA GLY A 1116 30.00 -3.25 -17.98
C GLY A 1116 31.38 -2.89 -17.45
N CYS A 1117 32.05 -1.92 -18.06
CA CYS A 1117 33.38 -1.50 -17.61
C CYS A 1117 33.34 -0.45 -16.51
N GLY A 1118 32.16 -0.05 -16.07
CA GLY A 1118 32.05 0.93 -15.00
C GLY A 1118 31.90 2.36 -15.44
N LYS A 1119 31.44 2.59 -16.68
CA LYS A 1119 31.29 3.96 -17.17
C LYS A 1119 30.20 4.71 -16.41
N SER A 1120 29.04 4.07 -16.22
CA SER A 1120 27.98 4.70 -15.44
C SER A 1120 28.33 4.76 -13.96
N THR A 1121 29.18 3.84 -13.50
CA THR A 1121 29.59 3.85 -12.09
C THR A 1121 30.38 5.11 -11.75
N SER A 1122 31.25 5.55 -12.66
CA SER A 1122 31.99 6.78 -12.44
C SER A 1122 31.05 7.97 -12.34
N ILE A 1123 30.01 7.98 -13.17
CA ILE A 1123 29.02 9.05 -13.13
C ILE A 1123 28.26 9.02 -11.81
N GLN A 1124 27.91 7.82 -11.33
CA GLN A 1124 27.26 7.69 -10.03
C GLN A 1124 28.16 8.22 -8.92
N LEU A 1125 29.46 7.93 -8.99
CA LEU A 1125 30.39 8.47 -8.01
C LEU A 1125 30.44 10.00 -8.07
N LEU A 1126 30.44 10.55 -9.28
CA LEU A 1126 30.47 12.00 -9.44
C LEU A 1126 29.22 12.64 -8.86
N GLU A 1127 28.05 12.03 -9.08
CA GLU A 1127 26.81 12.55 -8.54
C GLU A 1127 26.65 12.26 -7.05
N ARG A 1128 27.66 11.67 -6.42
CA ARG A 1128 27.65 11.34 -4.99
C ARG A 1128 26.51 10.41 -4.62
N PHE A 1129 26.05 9.59 -5.58
CA PHE A 1129 25.16 8.49 -5.23
C PHE A 1129 25.88 7.47 -4.37
N TYR A 1130 27.20 7.35 -4.53
CA TYR A 1130 28.05 6.51 -3.71
C TYR A 1130 29.34 7.28 -3.43
N ASP A 1131 30.24 6.64 -2.69
CA ASP A 1131 31.55 7.21 -2.41
C ASP A 1131 32.62 6.15 -2.63
N PRO A 1132 33.78 6.52 -3.14
CA PRO A 1132 34.84 5.54 -3.36
C PRO A 1132 35.36 4.97 -2.05
N ASP A 1133 35.73 3.69 -2.09
CA ASP A 1133 36.31 3.05 -0.91
C ASP A 1133 37.69 3.61 -0.62
N GLN A 1134 38.62 3.44 -1.54
CA GLN A 1134 39.93 4.09 -1.50
C GLN A 1134 40.05 5.02 -2.68
N GLY A 1135 40.83 6.08 -2.51
CA GLY A 1135 40.89 7.14 -3.49
C GLY A 1135 39.75 8.12 -3.30
N LYS A 1136 39.77 9.16 -4.13
CA LYS A 1136 38.81 10.25 -3.99
C LYS A 1136 38.66 10.96 -5.32
N VAL A 1137 37.55 11.70 -5.45
CA VAL A 1137 37.30 12.57 -6.59
C VAL A 1137 37.27 14.01 -6.07
N MET A 1138 37.90 14.91 -6.82
CA MET A 1138 38.04 16.29 -6.42
C MET A 1138 37.23 17.18 -7.36
N ILE A 1139 36.46 18.10 -6.78
CA ILE A 1139 35.71 19.09 -7.53
C ILE A 1139 36.31 20.45 -7.17
N ASP A 1140 37.11 21.00 -8.09
CA ASP A 1140 37.72 22.32 -7.91
C ASP A 1140 38.61 22.36 -6.67
N GLY A 1141 39.38 21.30 -6.44
CA GLY A 1141 40.28 21.24 -5.33
C GLY A 1141 39.65 20.89 -4.00
N HIS A 1142 38.38 20.52 -3.99
CA HIS A 1142 37.67 20.12 -2.78
C HIS A 1142 37.35 18.64 -2.85
N ASP A 1143 37.67 17.90 -1.79
CA ASP A 1143 37.32 16.49 -1.72
C ASP A 1143 35.79 16.34 -1.72
N SER A 1144 35.30 15.39 -2.51
CA SER A 1144 33.86 15.25 -2.70
C SER A 1144 33.14 14.80 -1.43
N LYS A 1145 33.84 14.13 -0.51
CA LYS A 1145 33.18 13.62 0.68
C LYS A 1145 32.96 14.70 1.74
N LYS A 1146 33.47 15.91 1.54
CA LYS A 1146 33.26 17.00 2.47
C LYS A 1146 32.47 18.16 1.88
N VAL A 1147 32.12 18.11 0.60
CA VAL A 1147 31.34 19.16 -0.04
C VAL A 1147 29.86 18.85 0.14
N ASN A 1148 29.07 19.89 0.33
CA ASN A 1148 27.63 19.72 0.53
C ASN A 1148 27.00 19.01 -0.66
N VAL A 1149 26.13 18.04 -0.36
CA VAL A 1149 25.54 17.22 -1.41
C VAL A 1149 24.55 18.02 -2.25
N GLN A 1150 23.71 18.83 -1.59
CA GLN A 1150 22.76 19.65 -2.33
C GLN A 1150 23.47 20.69 -3.19
N PHE A 1151 24.51 21.33 -2.64
CA PHE A 1151 25.27 22.32 -3.39
C PHE A 1151 25.93 21.69 -4.62
N LEU A 1152 26.53 20.52 -4.46
CA LEU A 1152 27.14 19.84 -5.60
C LEU A 1152 26.10 19.42 -6.62
N ARG A 1153 24.96 18.91 -6.16
CA ARG A 1153 23.94 18.40 -7.06
C ARG A 1153 23.26 19.52 -7.84
N SER A 1154 23.23 20.73 -7.27
CA SER A 1154 22.62 21.85 -7.99
C SER A 1154 23.40 22.25 -9.23
N ASN A 1155 24.67 21.87 -9.33
CA ASN A 1155 25.55 22.31 -10.40
C ASN A 1155 25.79 21.26 -11.47
N ILE A 1156 25.01 20.18 -11.49
CA ILE A 1156 25.22 19.08 -12.42
C ILE A 1156 23.96 18.86 -13.24
N GLY A 1157 24.14 18.61 -14.53
CA GLY A 1157 23.07 18.17 -15.40
C GLY A 1157 23.32 16.77 -15.90
N ILE A 1158 22.37 15.87 -15.70
CA ILE A 1158 22.56 14.44 -15.94
C ILE A 1158 21.46 13.92 -16.83
N VAL A 1159 21.84 13.05 -17.78
CA VAL A 1159 20.91 12.21 -18.52
C VAL A 1159 21.33 10.77 -18.29
N SER A 1160 20.35 9.90 -18.06
CA SER A 1160 20.64 8.53 -17.68
C SER A 1160 20.70 7.63 -18.91
N GLN A 1161 21.22 6.42 -18.71
CA GLN A 1161 21.23 5.44 -19.79
C GLN A 1161 19.81 5.06 -20.19
N GLU A 1162 18.93 4.87 -19.21
CA GLU A 1162 17.51 4.65 -19.43
C GLU A 1162 16.76 5.76 -18.71
N PRO A 1163 16.46 6.87 -19.36
CA PRO A 1163 15.79 7.97 -18.68
C PRO A 1163 14.39 7.58 -18.22
N VAL A 1164 13.97 8.16 -17.11
CA VAL A 1164 12.65 7.92 -16.55
C VAL A 1164 11.93 9.26 -16.44
N LEU A 1165 10.61 9.19 -16.29
CA LEU A 1165 9.77 10.36 -16.24
C LEU A 1165 8.72 10.21 -15.14
N PHE A 1166 8.04 11.30 -14.85
CA PHE A 1166 6.92 11.31 -13.92
C PHE A 1166 5.62 11.46 -14.70
N ALA A 1167 4.54 10.94 -14.14
CA ALA A 1167 3.23 10.95 -14.79
C ALA A 1167 2.62 12.34 -14.64
N CYS A 1168 3.00 13.23 -15.55
CA CYS A 1168 2.47 14.59 -15.60
C CYS A 1168 2.67 15.11 -17.02
N SER A 1169 2.47 16.41 -17.21
CA SER A 1169 2.60 17.00 -18.52
C SER A 1169 4.07 17.13 -18.91
N ILE A 1170 4.31 17.41 -20.19
CA ILE A 1170 5.65 17.71 -20.65
C ILE A 1170 6.16 18.98 -20.00
N MET A 1171 5.26 19.93 -19.76
CA MET A 1171 5.65 21.21 -19.20
C MET A 1171 6.23 21.03 -17.80
N ASP A 1172 5.49 20.35 -16.92
CA ASP A 1172 6.00 20.13 -15.57
C ASP A 1172 7.25 19.26 -15.57
N ASN A 1173 7.32 18.31 -16.50
CA ASN A 1173 8.51 17.46 -16.59
C ASN A 1173 9.74 18.28 -16.93
N ILE A 1174 9.59 19.29 -17.80
CA ILE A 1174 10.70 20.18 -18.09
C ILE A 1174 10.99 21.09 -16.89
N LYS A 1175 9.93 21.61 -16.25
CA LYS A 1175 10.10 22.50 -15.10
C LYS A 1175 10.76 21.81 -13.92
N TYR A 1176 10.77 20.47 -13.91
CA TYR A 1176 11.42 19.74 -12.84
C TYR A 1176 12.92 20.00 -12.76
N GLY A 1177 13.52 20.57 -13.81
CA GLY A 1177 14.95 20.81 -13.78
C GLY A 1177 15.37 21.70 -12.62
N ASP A 1178 14.68 22.82 -12.43
CA ASP A 1178 14.94 23.74 -11.33
C ASP A 1178 13.78 23.65 -10.36
N ASN A 1179 13.98 22.95 -9.24
CA ASN A 1179 12.96 22.80 -8.23
C ASN A 1179 13.02 23.85 -7.14
N THR A 1180 14.11 24.61 -7.07
CA THR A 1180 14.21 25.69 -6.08
C THR A 1180 13.22 26.81 -6.38
N LYS A 1181 13.12 27.21 -7.64
CA LYS A 1181 12.25 28.30 -8.04
C LYS A 1181 11.63 27.99 -9.39
N GLU A 1182 10.53 28.66 -9.68
CA GLU A 1182 9.89 28.52 -10.98
C GLU A 1182 10.79 29.10 -12.08
N ILE A 1183 10.60 28.59 -13.29
CA ILE A 1183 11.35 29.11 -14.43
C ILE A 1183 10.35 29.61 -15.48
N PRO A 1184 10.70 30.64 -16.24
CA PRO A 1184 9.74 31.22 -17.17
C PRO A 1184 9.43 30.29 -18.34
N MET A 1185 8.34 30.62 -19.03
CA MET A 1185 7.92 29.83 -20.18
C MET A 1185 8.94 29.91 -21.30
N GLU A 1186 9.60 31.06 -21.44
CA GLU A 1186 10.55 31.28 -22.52
C GLU A 1186 11.71 30.30 -22.42
N ARG A 1187 12.20 30.05 -21.20
CA ARG A 1187 13.31 29.12 -21.04
C ARG A 1187 12.91 27.70 -21.43
N VAL A 1188 11.70 27.29 -21.07
CA VAL A 1188 11.22 25.97 -21.43
C VAL A 1188 11.12 25.84 -22.94
N ILE A 1189 10.56 26.86 -23.59
CA ILE A 1189 10.41 26.80 -25.04
C ILE A 1189 11.78 26.75 -25.70
N ALA A 1190 12.72 27.56 -25.22
CA ALA A 1190 14.05 27.57 -25.82
C ALA A 1190 14.76 26.22 -25.65
N ALA A 1191 14.66 25.64 -24.46
CA ALA A 1191 15.26 24.33 -24.22
C ALA A 1191 14.64 23.28 -25.12
N ALA A 1192 13.32 23.32 -25.29
CA ALA A 1192 12.65 22.37 -26.18
C ALA A 1192 13.10 22.57 -27.62
N LYS A 1193 13.28 23.82 -28.05
CA LYS A 1193 13.75 24.07 -29.41
C LYS A 1193 15.15 23.50 -29.63
N GLN A 1194 16.06 23.74 -28.69
CA GLN A 1194 17.41 23.22 -28.89
C GLN A 1194 17.50 21.72 -28.65
N ALA A 1195 16.48 21.13 -28.02
CA ALA A 1195 16.42 19.68 -27.82
C ALA A 1195 15.75 18.96 -28.99
N GLN A 1196 15.35 19.68 -30.03
CA GLN A 1196 14.67 19.11 -31.20
C GLN A 1196 13.37 18.43 -30.80
N LEU A 1197 12.51 19.21 -30.13
CA LEU A 1197 11.24 18.72 -29.63
C LEU A 1197 10.06 19.61 -29.99
N HIS A 1198 10.29 20.83 -30.46
CA HIS A 1198 9.21 21.80 -30.60
C HIS A 1198 8.17 21.37 -31.62
N ASP A 1199 8.62 20.85 -32.76
CA ASP A 1199 7.67 20.51 -33.83
C ASP A 1199 6.74 19.39 -33.41
N PHE A 1200 7.29 18.32 -32.82
CA PHE A 1200 6.46 17.18 -32.43
C PHE A 1200 5.43 17.59 -31.39
N VAL A 1201 5.84 18.37 -30.38
CA VAL A 1201 4.91 18.77 -29.33
C VAL A 1201 3.90 19.77 -29.86
N MET A 1202 4.31 20.61 -30.82
CA MET A 1202 3.35 21.47 -31.52
C MET A 1202 2.32 20.66 -32.28
N SER A 1203 2.70 19.49 -32.80
CA SER A 1203 1.78 18.65 -33.53
C SER A 1203 0.74 17.98 -32.65
N LEU A 1204 0.86 18.06 -31.33
CA LEU A 1204 -0.09 17.40 -30.44
C LEU A 1204 -1.36 18.23 -30.28
N PRO A 1205 -2.49 17.58 -30.04
CA PRO A 1205 -3.73 18.34 -29.77
C PRO A 1205 -3.61 19.27 -28.58
N GLU A 1206 -2.88 18.85 -27.54
CA GLU A 1206 -2.51 19.72 -26.44
C GLU A 1206 -1.02 19.98 -26.54
N LYS A 1207 -0.65 21.25 -26.70
CA LYS A 1207 0.74 21.63 -26.89
C LYS A 1207 1.37 21.88 -25.52
N TYR A 1208 2.33 21.04 -25.16
CA TYR A 1208 3.08 21.09 -23.90
C TYR A 1208 2.21 20.81 -22.69
N GLU A 1209 0.96 20.40 -22.89
CA GLU A 1209 0.10 19.99 -21.79
C GLU A 1209 -0.28 18.52 -21.83
N THR A 1210 0.17 17.79 -22.84
CA THR A 1210 -0.15 16.38 -22.96
C THR A 1210 0.44 15.59 -21.81
N ASN A 1211 -0.37 14.71 -21.23
CA ASN A 1211 0.12 13.83 -20.17
C ASN A 1211 1.00 12.75 -20.78
N VAL A 1212 2.13 12.48 -20.13
CA VAL A 1212 3.10 11.51 -20.65
C VAL A 1212 2.84 10.09 -20.17
N GLY A 1213 2.03 9.90 -19.15
CA GLY A 1213 1.76 8.58 -18.62
C GLY A 1213 2.74 8.18 -17.54
N SER A 1214 2.49 7.00 -16.98
CA SER A 1214 3.34 6.50 -15.89
C SER A 1214 4.72 6.19 -16.42
N GLN A 1215 5.74 6.77 -15.76
CA GLN A 1215 7.13 6.67 -16.18
C GLN A 1215 7.36 7.19 -17.59
N GLY A 1216 6.46 8.04 -18.08
CA GLY A 1216 6.55 8.53 -19.44
C GLY A 1216 6.49 7.42 -20.47
N SER A 1217 5.65 6.41 -20.23
CA SER A 1217 5.57 5.25 -21.10
C SER A 1217 4.60 5.44 -22.27
N GLN A 1218 3.83 6.51 -22.28
CA GLN A 1218 2.90 6.78 -23.37
C GLN A 1218 3.52 7.62 -24.48
N LEU A 1219 4.83 7.56 -24.63
CA LEU A 1219 5.55 8.19 -25.73
C LEU A 1219 6.53 7.18 -26.29
N SER A 1220 6.93 7.41 -27.54
CA SER A 1220 8.05 6.63 -28.06
C SER A 1220 9.32 7.03 -27.33
N ARG A 1221 10.30 6.12 -27.34
CA ARG A 1221 11.49 6.31 -26.52
C ARG A 1221 12.34 7.48 -27.01
N GLY A 1222 12.27 7.81 -28.30
CA GLY A 1222 12.99 8.97 -28.80
C GLY A 1222 12.53 10.27 -28.16
N GLU A 1223 11.22 10.44 -28.02
CA GLU A 1223 10.74 11.66 -27.38
C GLU A 1223 11.00 11.66 -25.89
N LYS A 1224 11.06 10.47 -25.25
CA LYS A 1224 11.48 10.42 -23.86
C LYS A 1224 12.94 10.86 -23.71
N GLN A 1225 13.80 10.41 -24.61
CA GLN A 1225 15.19 10.88 -24.57
C GLN A 1225 15.26 12.37 -24.82
N ARG A 1226 14.43 12.89 -25.73
CA ARG A 1226 14.46 14.32 -26.04
C ARG A 1226 13.98 15.15 -24.86
N ILE A 1227 12.92 14.72 -24.18
CA ILE A 1227 12.48 15.46 -23.00
C ILE A 1227 13.52 15.38 -21.89
N ALA A 1228 14.22 14.24 -21.77
CA ALA A 1228 15.29 14.13 -20.79
C ALA A 1228 16.41 15.11 -21.09
N ILE A 1229 16.81 15.21 -22.36
CA ILE A 1229 17.83 16.17 -22.76
C ILE A 1229 17.38 17.59 -22.47
N ALA A 1230 16.13 17.91 -22.78
CA ALA A 1230 15.62 19.26 -22.53
C ALA A 1230 15.63 19.57 -21.05
N ARG A 1231 15.22 18.62 -20.21
CA ARG A 1231 15.22 18.83 -18.77
C ARG A 1231 16.64 19.05 -18.24
N ALA A 1232 17.61 18.28 -18.76
CA ALA A 1232 18.99 18.49 -18.34
C ALA A 1232 19.50 19.86 -18.78
N ILE A 1233 19.19 20.26 -20.01
CA ILE A 1233 19.72 21.50 -20.57
C ILE A 1233 19.13 22.72 -19.89
N VAL A 1234 17.85 22.66 -19.53
CA VAL A 1234 17.13 23.84 -19.05
C VAL A 1234 17.73 24.42 -17.78
N ARG A 1235 18.53 23.62 -17.05
CA ARG A 1235 19.15 24.13 -15.82
C ARG A 1235 20.29 25.09 -16.10
N ASP A 1236 20.88 25.03 -17.30
CA ASP A 1236 22.13 25.69 -17.62
C ASP A 1236 23.23 25.31 -16.61
N PRO A 1237 23.54 24.03 -16.49
CA PRO A 1237 24.48 23.59 -15.46
C PRO A 1237 25.93 23.69 -15.90
N LYS A 1238 26.86 23.82 -14.91
CA LYS A 1238 28.30 24.00 -15.17
C LYS A 1238 28.92 22.67 -15.44
N ILE A 1239 28.28 21.60 -15.02
CA ILE A 1239 28.73 20.25 -15.37
C ILE A 1239 27.56 19.53 -15.99
N LEU A 1240 27.78 18.96 -17.18
CA LEU A 1240 26.72 18.30 -17.94
C LEU A 1240 27.15 16.86 -18.21
N LEU A 1241 26.29 15.92 -17.81
CA LEU A 1241 26.60 14.49 -17.88
C LEU A 1241 25.72 13.82 -18.92
N LEU A 1242 26.34 13.17 -19.90
CA LEU A 1242 25.63 12.54 -21.01
C LEU A 1242 25.92 11.04 -21.00
N ASP A 1243 24.88 10.25 -20.76
CA ASP A 1243 24.98 8.80 -20.72
C ASP A 1243 24.09 8.23 -21.83
N GLN A 1244 24.71 7.91 -22.97
CA GLN A 1244 24.02 7.33 -24.11
C GLN A 1244 22.82 8.19 -24.53
N ALA A 1245 23.07 9.50 -24.69
CA ALA A 1245 22.00 10.44 -24.95
C ALA A 1245 21.40 10.29 -26.35
N THR A 1246 22.00 9.48 -27.22
CA THR A 1246 21.48 9.26 -28.57
C THR A 1246 21.11 7.80 -28.81
N SER A 1247 20.81 7.06 -27.74
CA SER A 1247 20.53 5.64 -27.91
C SER A 1247 19.26 5.41 -28.71
N ALA A 1248 18.20 6.17 -28.42
CA ALA A 1248 16.94 6.01 -29.14
C ALA A 1248 16.89 6.87 -30.40
N LEU A 1249 17.14 8.17 -30.26
CA LEU A 1249 17.23 9.06 -31.42
C LEU A 1249 18.57 8.81 -32.09
N ASP A 1250 18.54 8.13 -33.23
CA ASP A 1250 19.77 7.71 -33.90
C ASP A 1250 19.73 7.97 -35.41
N THR A 1251 18.71 8.66 -35.90
CA THR A 1251 18.62 8.95 -37.34
C THR A 1251 19.74 9.91 -37.69
N GLU A 1252 20.80 9.38 -38.31
CA GLU A 1252 22.00 10.16 -38.61
C GLU A 1252 22.00 10.71 -40.02
N SER A 1253 20.88 10.59 -40.75
CA SER A 1253 20.82 11.14 -42.09
C SER A 1253 20.81 12.67 -42.09
N GLU A 1254 20.61 13.29 -40.94
CA GLU A 1254 20.63 14.74 -40.82
C GLU A 1254 21.57 15.14 -39.69
N LYS A 1255 22.27 16.26 -39.88
CA LYS A 1255 23.23 16.77 -38.90
C LYS A 1255 22.60 17.89 -38.07
N THR A 1256 21.56 17.53 -37.32
CA THR A 1256 20.82 18.51 -36.52
C THR A 1256 20.94 18.28 -35.03
N VAL A 1257 20.61 17.09 -34.54
CA VAL A 1257 20.74 16.83 -33.11
C VAL A 1257 22.21 16.83 -32.70
N GLN A 1258 23.10 16.46 -33.63
CA GLN A 1258 24.53 16.52 -33.35
C GLN A 1258 24.97 17.96 -33.09
N VAL A 1259 24.54 18.89 -33.95
CA VAL A 1259 24.86 20.30 -33.74
C VAL A 1259 24.21 20.81 -32.47
N ALA A 1260 22.99 20.34 -32.18
CA ALA A 1260 22.30 20.75 -30.97
C ALA A 1260 23.09 20.33 -29.73
N LEU A 1261 23.56 19.09 -29.69
CA LEU A 1261 24.31 18.63 -28.53
C LEU A 1261 25.69 19.28 -28.46
N ASP A 1262 26.30 19.59 -29.60
CA ASP A 1262 27.56 20.33 -29.58
C ASP A 1262 27.37 21.73 -28.99
N LYS A 1263 26.29 22.41 -29.38
CA LYS A 1263 26.00 23.72 -28.80
C LYS A 1263 25.64 23.60 -27.32
N ALA A 1264 25.06 22.47 -26.92
CA ALA A 1264 24.78 22.24 -25.51
C ALA A 1264 26.07 22.09 -24.71
N ARG A 1265 27.01 21.31 -25.23
CA ARG A 1265 28.31 21.12 -24.58
C ARG A 1265 29.22 22.33 -24.72
N GLU A 1266 28.86 23.31 -25.55
CA GLU A 1266 29.67 24.51 -25.69
C GLU A 1266 29.76 25.27 -24.37
N GLY A 1267 30.98 25.63 -23.99
CA GLY A 1267 31.19 26.51 -22.86
C GLY A 1267 30.97 25.92 -21.49
N ARG A 1268 31.06 24.60 -21.35
CA ARG A 1268 30.89 24.00 -20.04
C ARG A 1268 31.59 22.64 -20.00
N THR A 1269 31.87 22.19 -18.79
CA THR A 1269 32.52 20.90 -18.58
C THR A 1269 31.51 19.77 -18.77
N CYS A 1270 31.85 18.82 -19.64
CA CYS A 1270 30.93 17.73 -19.98
C CYS A 1270 31.67 16.41 -19.97
N ILE A 1271 31.00 15.37 -19.48
CA ILE A 1271 31.45 14.00 -19.62
C ILE A 1271 30.41 13.28 -20.45
N VAL A 1272 30.81 12.77 -21.60
CA VAL A 1272 29.91 12.13 -22.55
C VAL A 1272 30.39 10.71 -22.77
N ILE A 1273 29.51 9.75 -22.44
CA ILE A 1273 29.84 8.32 -22.70
C ILE A 1273 28.89 7.84 -23.80
N ALA A 1274 29.41 7.18 -24.83
CA ALA A 1274 28.62 6.74 -25.97
C ALA A 1274 29.30 5.55 -26.63
N HIS A 1275 28.52 4.53 -26.95
CA HIS A 1275 29.04 3.34 -27.63
C HIS A 1275 29.18 3.54 -29.12
N ARG A 1276 28.65 4.63 -29.67
CA ARG A 1276 28.82 4.99 -31.07
C ARG A 1276 29.93 6.03 -31.15
N LEU A 1277 30.97 5.73 -31.94
CA LEU A 1277 32.20 6.51 -31.90
C LEU A 1277 32.18 7.72 -32.82
N SER A 1278 31.17 7.86 -33.68
CA SER A 1278 31.11 9.03 -34.55
C SER A 1278 30.64 10.28 -33.81
N THR A 1279 29.84 10.12 -32.76
CA THR A 1279 29.32 11.25 -32.03
C THR A 1279 30.31 11.81 -31.01
N ILE A 1280 31.38 11.08 -30.70
CA ILE A 1280 32.40 11.57 -29.78
C ILE A 1280 33.65 11.89 -30.58
N GLN A 1281 33.45 12.18 -31.87
CA GLN A 1281 34.57 12.41 -32.79
C GLN A 1281 35.40 13.63 -32.38
N ASN A 1282 34.73 14.70 -31.95
CA ASN A 1282 35.37 15.99 -31.74
C ASN A 1282 35.64 16.30 -30.28
N ALA A 1283 35.73 15.28 -29.43
CA ALA A 1283 35.98 15.52 -28.02
C ALA A 1283 37.43 15.95 -27.79
N ASP A 1284 37.63 16.84 -26.81
CA ASP A 1284 38.98 17.27 -26.46
C ASP A 1284 39.82 16.09 -25.97
N ILE A 1285 39.26 15.28 -25.09
CA ILE A 1285 39.98 14.15 -24.51
C ILE A 1285 39.09 12.91 -24.59
N ILE A 1286 39.65 11.81 -25.07
CA ILE A 1286 38.94 10.54 -25.17
C ILE A 1286 39.67 9.53 -24.30
N ALA A 1287 38.96 8.95 -23.34
CA ALA A 1287 39.51 7.97 -22.42
C ALA A 1287 38.89 6.61 -22.68
N VAL A 1288 39.73 5.60 -22.88
CA VAL A 1288 39.28 4.23 -23.13
C VAL A 1288 39.41 3.46 -21.82
N MET A 1289 38.28 3.02 -21.28
CA MET A 1289 38.25 2.36 -19.99
C MET A 1289 38.04 0.86 -20.19
N ALA A 1290 38.90 0.07 -19.55
CA ALA A 1290 38.81 -1.39 -19.62
C ALA A 1290 38.90 -1.94 -18.20
N GLN A 1291 37.86 -2.66 -17.78
CA GLN A 1291 37.83 -3.35 -16.49
C GLN A 1291 38.05 -2.38 -15.32
N GLY A 1292 37.46 -1.19 -15.43
CA GLY A 1292 37.50 -0.23 -14.35
C GLY A 1292 38.72 0.66 -14.32
N VAL A 1293 39.66 0.51 -15.25
CA VAL A 1293 40.85 1.35 -15.30
C VAL A 1293 40.98 1.89 -16.73
N VAL A 1294 41.60 3.06 -16.83
CA VAL A 1294 41.78 3.72 -18.12
C VAL A 1294 43.08 3.24 -18.75
N ILE A 1295 42.99 2.77 -19.99
CA ILE A 1295 44.13 2.19 -20.68
C ILE A 1295 44.67 3.08 -21.78
N GLU A 1296 43.86 3.95 -22.37
CA GLU A 1296 44.31 4.89 -23.39
C GLU A 1296 43.77 6.28 -23.05
N LYS A 1297 44.45 7.30 -23.57
CA LYS A 1297 44.09 8.68 -23.29
C LYS A 1297 44.70 9.58 -24.35
N GLY A 1298 43.91 10.51 -24.86
CA GLY A 1298 44.37 11.44 -25.87
C GLY A 1298 43.20 11.97 -26.66
N THR A 1299 43.50 12.77 -27.69
CA THR A 1299 42.43 13.19 -28.57
C THR A 1299 42.21 12.12 -29.62
N HIS A 1300 41.33 12.40 -30.59
CA HIS A 1300 41.02 11.39 -31.60
C HIS A 1300 42.22 11.06 -32.47
N GLU A 1301 42.98 12.07 -32.87
CA GLU A 1301 44.07 11.83 -33.83
C GLU A 1301 45.20 11.01 -33.21
N GLU A 1302 45.62 11.33 -31.97
CA GLU A 1302 46.65 10.53 -31.33
C GLU A 1302 46.20 9.10 -31.07
N LEU A 1303 44.97 8.91 -30.59
CA LEU A 1303 44.49 7.55 -30.34
C LEU A 1303 44.39 6.76 -31.63
N MET A 1304 43.96 7.41 -32.72
CA MET A 1304 43.93 6.75 -34.02
C MET A 1304 45.34 6.40 -34.49
N ALA A 1305 46.31 7.28 -34.24
CA ALA A 1305 47.67 7.05 -34.71
C ALA A 1305 48.39 5.99 -33.90
N GLN A 1306 47.99 5.80 -32.64
CA GLN A 1306 48.68 4.81 -31.80
C GLN A 1306 48.25 3.38 -32.12
N LYS A 1307 47.14 3.18 -32.83
CA LYS A 1307 46.65 1.86 -33.22
C LYS A 1307 46.31 0.98 -32.02
N GLY A 1308 45.92 1.59 -30.91
CA GLY A 1308 45.56 0.83 -29.72
C GLY A 1308 44.17 0.25 -29.80
N ALA A 1309 43.52 0.14 -28.63
CA ALA A 1309 42.18 -0.41 -28.59
C ALA A 1309 41.19 0.46 -29.34
N TYR A 1310 41.42 1.77 -29.39
CA TYR A 1310 40.52 2.65 -30.12
C TYR A 1310 40.49 2.31 -31.61
N TYR A 1311 41.66 2.02 -32.18
CA TYR A 1311 41.70 1.69 -33.60
C TYR A 1311 40.91 0.42 -33.89
N LYS A 1312 41.05 -0.61 -33.05
CA LYS A 1312 40.29 -1.83 -33.26
C LYS A 1312 38.80 -1.59 -33.09
N LEU A 1313 38.42 -0.80 -32.08
CA LEU A 1313 37.01 -0.50 -31.86
C LEU A 1313 36.42 0.24 -33.05
N VAL A 1314 37.13 1.21 -33.60
CA VAL A 1314 36.63 1.96 -34.73
C VAL A 1314 36.56 1.09 -35.98
N THR A 1315 37.64 0.36 -36.27
CA THR A 1315 37.75 -0.37 -37.53
C THR A 1315 36.92 -1.64 -37.56
N THR A 1316 36.48 -2.15 -36.40
CA THR A 1316 35.64 -3.33 -36.42
C THR A 1316 34.27 -3.07 -37.04
N GLY A 1317 33.89 -1.81 -37.22
CA GLY A 1317 32.62 -1.48 -37.84
C GLY A 1317 32.68 -0.27 -38.74
#